data_6AHE
#
_entry.id   6AHE
#
_cell.length_a   79.529
_cell.length_b   89.573
_cell.length_c   159.473
_cell.angle_alpha   90.00
_cell.angle_beta   90.00
_cell.angle_gamma   90.00
#
_symmetry.space_group_name_H-M   'P 21 21 21'
#
loop_
_entity.id
_entity.type
_entity.pdbx_description
1 polymer 'Enoyl-[acyl-carrier-protein] reductase [NADH]'
2 non-polymer NICOTINAMIDE-ADENINE-DINUCLEOTIDE
3 non-polymer N-methyl-N-[(3-methyl-1-benzofuran-2-yl)methyl]-3-(7-oxo-5,6,7,8-tetrahydro-1,8-naphthyridin-3-yl)propanamide
4 water water
#
_entity_poly.entity_id   1
_entity_poly.type   'polypeptide(L)'
_entity_poly.pdbx_seq_one_letter_code
;MTQGLLAGKRFLIAGVASKLSIAYGIAQALHREGAELAFTYPNEKLKKRVDEFAEQFGSKLVFPCDVAVDAEIDNAFAEL
AKHWDGVDGVVHSIGFAPAHTLDGDFTDVTDRDGFKIAHDISAYSFVAMARAAKPLLQARQGCLLTLTYQGSERVMPNYN
VMGMAKASLEAGVRYLASSLGVDGIRVNAISAGPIRTLAASGIKSFRKMLDANEKVAPLKRNVTIEEVGNAALFLCSPWA
SGITGEILYVDAGFNTVGMSQSMMDDE
;
_entity_poly.pdbx_strand_id   A,D,C,B
#
# COMPACT_ATOMS: atom_id res chain seq x y z
N GLN A 3 35.22 -16.70 12.68
CA GLN A 3 34.96 -15.38 12.00
C GLN A 3 33.88 -15.49 10.88
N GLY A 4 32.62 -15.35 11.30
CA GLY A 4 31.46 -15.14 10.42
C GLY A 4 30.91 -13.70 10.39
N LEU A 5 29.80 -13.51 9.65
CA LEU A 5 29.24 -12.17 9.40
C LEU A 5 29.05 -11.22 10.61
N LEU A 6 28.73 -11.78 11.77
CA LEU A 6 28.57 -10.93 12.96
C LEU A 6 29.64 -11.12 14.04
N ALA A 7 30.88 -11.39 13.57
CA ALA A 7 32.06 -11.45 14.44
C ALA A 7 32.18 -10.19 15.29
N GLY A 8 32.22 -10.35 16.63
CA GLY A 8 32.41 -9.25 17.56
C GLY A 8 31.18 -8.40 17.89
N LYS A 9 30.08 -8.62 17.15
CA LYS A 9 28.83 -7.87 17.30
C LYS A 9 28.02 -8.35 18.49
N ARG A 10 27.29 -7.45 19.14
CA ARG A 10 26.39 -7.87 20.27
C ARG A 10 24.88 -7.69 19.96
N PHE A 11 24.02 -8.55 20.52
CA PHE A 11 22.58 -8.40 20.33
C PHE A 11 21.79 -8.80 21.56
N LEU A 12 20.88 -7.91 21.96
CA LEU A 12 19.86 -8.23 22.96
C LEU A 12 18.61 -8.85 22.25
N ILE A 13 18.09 -9.95 22.78
CA ILE A 13 16.95 -10.67 22.20
C ILE A 13 15.84 -10.73 23.27
N ALA A 14 14.77 -9.95 23.09
CA ALA A 14 13.53 -10.09 23.88
C ALA A 14 12.51 -11.03 23.19
N GLY A 15 12.07 -12.05 23.93
CA GLY A 15 10.98 -12.91 23.44
C GLY A 15 11.26 -14.38 23.28
N VAL A 16 12.35 -14.88 23.85
CA VAL A 16 12.50 -16.35 23.93
C VAL A 16 11.53 -16.97 25.00
N ALA A 17 10.54 -17.75 24.51
CA ALA A 17 9.64 -18.51 25.39
C ALA A 17 9.96 -20.00 25.36
N SER A 18 10.42 -20.48 24.20
CA SER A 18 10.63 -21.91 23.91
C SER A 18 11.54 -22.01 22.69
N LYS A 19 12.06 -23.22 22.46
CA LYS A 19 12.82 -23.59 21.24
C LYS A 19 12.02 -23.37 19.94
N LEU A 20 10.72 -23.14 20.10
CA LEU A 20 9.82 -22.87 18.98
C LEU A 20 9.65 -21.36 18.72
N SER A 21 9.93 -20.50 19.70
CA SER A 21 9.81 -19.03 19.49
C SER A 21 10.47 -18.59 18.20
N ILE A 22 9.93 -17.53 17.59
CA ILE A 22 10.56 -16.88 16.46
C ILE A 22 11.87 -16.32 16.96
N ALA A 23 11.85 -15.85 18.20
CA ALA A 23 13.02 -15.25 18.84
C ALA A 23 14.19 -16.24 18.89
N TYR A 24 13.86 -17.52 19.06
CA TYR A 24 14.84 -18.56 19.13
C TYR A 24 15.51 -18.82 17.76
N GLY A 25 14.72 -18.78 16.70
CA GLY A 25 15.25 -18.88 15.32
C GLY A 25 16.18 -17.73 15.00
N ILE A 26 15.77 -16.52 15.40
CA ILE A 26 16.65 -15.35 15.32
C ILE A 26 17.94 -15.54 16.13
N ALA A 27 17.85 -15.82 17.43
CA ALA A 27 19.05 -16.04 18.28
C ALA A 27 20.05 -16.99 17.61
N GLN A 28 19.54 -18.15 17.18
CA GLN A 28 20.32 -19.18 16.55
C GLN A 28 21.00 -18.72 15.26
N ALA A 29 20.30 -17.96 14.41
CA ALA A 29 20.90 -17.45 13.17
C ALA A 29 21.99 -16.41 13.49
N LEU A 30 21.71 -15.53 14.45
CA LEU A 30 22.70 -14.54 14.92
C LEU A 30 23.92 -15.24 15.54
N HIS A 31 23.69 -16.15 16.50
CA HIS A 31 24.78 -16.94 17.07
C HIS A 31 25.55 -17.76 16.01
N ARG A 32 24.85 -18.36 15.05
CA ARG A 32 25.52 -19.06 13.95
C ARG A 32 26.62 -18.19 13.32
N GLU A 33 26.38 -16.89 13.28
CA GLU A 33 27.21 -15.99 12.49
C GLU A 33 28.21 -15.20 13.34
N GLY A 34 28.29 -15.54 14.63
CA GLY A 34 29.39 -15.13 15.50
C GLY A 34 29.04 -14.07 16.53
N ALA A 35 27.78 -13.66 16.54
CA ALA A 35 27.25 -12.72 17.52
C ALA A 35 27.27 -13.28 18.94
N GLU A 36 27.43 -12.38 19.90
CA GLU A 36 27.30 -12.61 21.32
C GLU A 36 25.89 -12.14 21.69
N LEU A 37 25.24 -12.86 22.59
CA LEU A 37 23.82 -12.70 22.83
C LEU A 37 23.46 -12.36 24.25
N ALA A 38 22.40 -11.55 24.40
CA ALA A 38 21.73 -11.31 25.71
C ALA A 38 20.22 -11.55 25.57
N PHE A 39 19.54 -11.81 26.70
CA PHE A 39 18.15 -12.27 26.66
C PHE A 39 17.36 -11.67 27.81
N THR A 40 16.09 -11.37 27.55
CA THR A 40 15.18 -11.05 28.66
C THR A 40 14.21 -12.22 28.93
N TYR A 41 13.63 -12.21 30.12
CA TYR A 41 12.50 -13.10 30.48
C TYR A 41 11.39 -12.28 31.16
N PRO A 42 10.11 -12.57 30.83
CA PRO A 42 8.99 -11.77 31.39
C PRO A 42 8.72 -11.90 32.91
N ASN A 43 9.07 -13.04 33.52
CA ASN A 43 8.92 -13.24 35.00
C ASN A 43 9.67 -14.47 35.50
N GLU A 44 9.65 -14.65 36.83
CA GLU A 44 10.25 -15.81 37.49
C GLU A 44 9.98 -17.17 36.80
N LYS A 45 8.71 -17.56 36.66
CA LYS A 45 8.36 -18.83 36.02
C LYS A 45 9.21 -19.22 34.79
N LEU A 46 9.63 -18.23 33.99
CA LEU A 46 10.35 -18.48 32.71
C LEU A 46 11.88 -18.39 32.86
N LYS A 47 12.35 -17.76 33.95
CA LYS A 47 13.78 -17.47 34.23
C LYS A 47 14.69 -18.65 33.90
N LYS A 48 14.38 -19.79 34.51
CA LYS A 48 15.18 -21.00 34.40
C LYS A 48 15.22 -21.58 32.97
N ARG A 49 14.20 -21.33 32.18
CA ARG A 49 14.18 -21.89 30.85
C ARG A 49 14.94 -21.02 29.91
N VAL A 50 14.93 -19.75 30.21
CA VAL A 50 15.68 -18.74 29.43
C VAL A 50 17.18 -18.81 29.74
N ASP A 51 17.53 -18.80 31.05
CA ASP A 51 18.93 -19.01 31.54
C ASP A 51 19.55 -20.16 30.77
N GLU A 52 18.74 -21.20 30.65
CA GLU A 52 19.09 -22.46 30.01
C GLU A 52 19.37 -22.26 28.52
N PHE A 53 18.48 -21.53 27.84
CA PHE A 53 18.64 -21.24 26.41
C PHE A 53 19.85 -20.33 26.18
N ALA A 54 20.06 -19.39 27.10
CA ALA A 54 21.20 -18.47 27.00
C ALA A 54 22.51 -19.26 26.98
N GLU A 55 22.65 -20.18 27.95
CA GLU A 55 23.89 -20.97 28.06
C GLU A 55 24.18 -21.83 26.79
N GLN A 56 23.10 -22.26 26.12
CA GLN A 56 23.14 -22.96 24.82
C GLN A 56 23.74 -22.10 23.69
N PHE A 57 23.90 -20.80 24.00
CA PHE A 57 24.41 -19.81 23.04
C PHE A 57 25.67 -19.13 23.56
N GLY A 58 26.27 -19.74 24.59
CA GLY A 58 27.48 -19.21 25.23
C GLY A 58 27.24 -17.96 26.06
N SER A 59 25.96 -17.63 26.32
CA SER A 59 25.62 -16.46 27.12
C SER A 59 25.16 -16.79 28.51
N LYS A 60 25.48 -15.88 29.42
CA LYS A 60 25.02 -15.96 30.81
C LYS A 60 24.40 -14.59 31.23
N LEU A 61 24.13 -13.77 30.22
CA LEU A 61 23.52 -12.44 30.35
C LEU A 61 21.99 -12.52 30.16
N VAL A 62 21.30 -12.62 31.30
CA VAL A 62 19.87 -12.95 31.33
C VAL A 62 19.18 -12.11 32.38
N PHE A 63 18.31 -11.21 31.94
CA PHE A 63 17.74 -10.16 32.81
C PHE A 63 16.22 -10.19 32.91
N PRO A 64 15.66 -9.85 34.12
CA PRO A 64 14.19 -9.74 34.18
C PRO A 64 13.68 -8.55 33.35
N CYS A 65 12.65 -8.78 32.55
CA CYS A 65 11.96 -7.69 31.82
C CYS A 65 10.51 -8.04 31.48
N ASP A 66 9.61 -7.48 32.28
CA ASP A 66 8.19 -7.48 31.95
C ASP A 66 7.95 -6.13 31.34
N VAL A 67 7.41 -6.09 30.12
CA VAL A 67 7.32 -4.82 29.38
C VAL A 67 6.07 -3.97 29.76
N ALA A 68 5.35 -4.43 30.78
CA ALA A 68 4.23 -3.70 31.34
C ALA A 68 4.77 -2.65 32.33
N VAL A 69 5.88 -2.97 32.97
CA VAL A 69 6.40 -2.14 34.07
C VAL A 69 7.48 -1.24 33.50
N ASP A 70 7.27 0.08 33.60
CA ASP A 70 8.23 1.08 33.12
C ASP A 70 9.65 0.87 33.67
N ALA A 71 9.74 0.70 34.99
CA ALA A 71 10.98 0.41 35.75
C ALA A 71 11.77 -0.82 35.25
N GLU A 72 11.06 -1.94 35.07
CA GLU A 72 11.65 -3.21 34.62
C GLU A 72 12.45 -3.03 33.31
N ILE A 73 11.92 -2.19 32.42
CA ILE A 73 12.53 -1.90 31.12
C ILE A 73 13.89 -1.21 31.26
N ASP A 74 13.91 -0.07 31.97
CA ASP A 74 15.14 0.74 32.14
C ASP A 74 16.20 0.03 32.96
N ASN A 75 15.74 -0.65 34.02
CA ASN A 75 16.60 -1.46 34.87
C ASN A 75 17.29 -2.59 34.08
N ALA A 76 16.56 -3.21 33.17
CA ALA A 76 17.14 -4.23 32.30
C ALA A 76 18.20 -3.66 31.35
N PHE A 77 18.01 -2.43 30.89
CA PHE A 77 19.02 -1.77 30.07
C PHE A 77 20.19 -1.20 30.86
N ALA A 78 19.91 -0.91 32.13
CA ALA A 78 20.88 -0.42 33.09
C ALA A 78 21.87 -1.54 33.39
N GLU A 79 21.33 -2.69 33.81
CA GLU A 79 22.15 -3.84 34.19
C GLU A 79 22.98 -4.25 33.01
N LEU A 80 22.41 -4.18 31.82
CA LEU A 80 23.12 -4.47 30.57
C LEU A 80 24.30 -3.48 30.29
N ALA A 81 24.14 -2.20 30.66
CA ALA A 81 25.26 -1.24 30.54
C ALA A 81 26.54 -1.67 31.33
N LYS A 82 26.34 -2.19 32.56
CA LYS A 82 27.42 -2.74 33.38
C LYS A 82 28.27 -3.76 32.60
N HIS A 83 27.62 -4.77 32.02
CA HIS A 83 28.33 -5.73 31.16
C HIS A 83 28.79 -5.17 29.77
N TRP A 84 27.89 -4.51 29.04
CA TRP A 84 28.17 -4.09 27.64
C TRP A 84 28.42 -2.59 27.41
N ASP A 85 29.48 -2.31 26.66
CA ASP A 85 29.91 -0.96 26.26
C ASP A 85 28.84 -0.28 25.45
N GLY A 86 28.43 -0.99 24.41
CA GLY A 86 27.39 -0.62 23.47
C GLY A 86 26.67 -1.88 23.01
N VAL A 87 25.97 -1.77 21.88
CA VAL A 87 25.08 -2.83 21.35
C VAL A 87 24.81 -2.61 19.85
N ASP A 88 24.89 -3.71 19.10
CA ASP A 88 24.68 -3.67 17.65
C ASP A 88 23.21 -3.90 17.23
N GLY A 89 22.36 -4.33 18.15
CA GLY A 89 20.96 -4.49 17.83
C GLY A 89 20.09 -4.93 18.97
N VAL A 90 18.82 -4.60 18.84
CA VAL A 90 17.79 -5.01 19.79
C VAL A 90 16.70 -5.63 18.97
N VAL A 91 16.35 -6.84 19.35
CA VAL A 91 15.37 -7.59 18.65
C VAL A 91 14.20 -7.69 19.61
N HIS A 92 13.07 -7.21 19.11
CA HIS A 92 11.80 -7.25 19.79
C HIS A 92 10.87 -8.31 19.13
N SER A 93 10.60 -9.40 19.85
CA SER A 93 9.73 -10.50 19.41
C SER A 93 8.65 -10.73 20.47
N ILE A 94 7.93 -9.64 20.78
CA ILE A 94 6.93 -9.63 21.81
C ILE A 94 5.59 -9.13 21.30
N GLY A 95 4.56 -9.92 21.57
CA GLY A 95 3.18 -9.53 21.35
C GLY A 95 2.24 -10.35 22.21
N PHE A 96 1.09 -9.79 22.54
CA PHE A 96 0.14 -10.42 23.45
C PHE A 96 -1.18 -9.66 23.47
N ALA A 97 -2.26 -10.42 23.56
CA ALA A 97 -3.62 -9.88 23.79
C ALA A 97 -4.37 -10.88 24.67
N PRO A 98 -5.25 -10.41 25.59
CA PRO A 98 -6.00 -11.42 26.35
C PRO A 98 -6.67 -12.41 25.40
N ALA A 99 -6.52 -13.70 25.68
CA ALA A 99 -7.05 -14.75 24.78
C ALA A 99 -8.45 -14.46 24.21
N HIS A 100 -9.33 -13.91 25.07
CA HIS A 100 -10.76 -13.76 24.77
C HIS A 100 -10.98 -12.80 23.58
N THR A 101 -10.05 -11.87 23.41
CA THR A 101 -10.15 -10.85 22.36
C THR A 101 -9.81 -11.45 21.02
N LEU A 102 -9.24 -12.64 21.03
CA LEU A 102 -8.77 -13.34 19.85
C LEU A 102 -9.62 -14.56 19.50
N ASP A 103 -10.86 -14.59 19.99
CA ASP A 103 -11.76 -15.76 19.92
C ASP A 103 -13.18 -15.28 19.79
N GLY A 104 -13.59 -15.09 18.54
CA GLY A 104 -14.92 -14.60 18.20
C GLY A 104 -14.99 -13.37 17.27
N ASP A 105 -16.24 -12.88 17.09
CA ASP A 105 -16.55 -11.66 16.38
C ASP A 105 -15.83 -10.48 17.01
N PHE A 106 -15.15 -9.71 16.16
CA PHE A 106 -14.30 -8.58 16.58
C PHE A 106 -15.04 -7.56 17.42
N THR A 107 -16.21 -7.16 16.94
CA THR A 107 -17.04 -6.17 17.61
C THR A 107 -17.54 -6.63 18.99
N ASP A 108 -17.98 -7.88 19.11
CA ASP A 108 -18.47 -8.42 20.38
C ASP A 108 -17.37 -8.45 21.43
N VAL A 109 -16.25 -9.11 21.09
CA VAL A 109 -15.20 -9.47 22.05
C VAL A 109 -14.12 -8.40 22.31
N THR A 110 -14.11 -7.30 21.55
CA THR A 110 -13.08 -6.28 21.77
C THR A 110 -13.43 -5.22 22.82
N ASP A 111 -13.10 -5.50 24.08
CA ASP A 111 -13.36 -4.60 25.25
C ASP A 111 -12.21 -3.62 25.38
N ARG A 112 -12.35 -2.60 26.24
CA ARG A 112 -11.32 -1.57 26.37
C ARG A 112 -10.00 -2.09 27.04
N ASP A 113 -10.13 -2.92 28.07
CA ASP A 113 -8.96 -3.46 28.71
C ASP A 113 -8.22 -4.39 27.75
N GLY A 114 -8.93 -5.26 27.03
CA GLY A 114 -8.30 -6.14 26.05
C GLY A 114 -7.54 -5.37 24.98
N PHE A 115 -8.08 -4.21 24.59
CA PHE A 115 -7.46 -3.28 23.65
C PHE A 115 -6.23 -2.66 24.31
N LYS A 116 -6.39 -2.08 25.52
CA LYS A 116 -5.26 -1.44 26.22
C LYS A 116 -4.05 -2.44 26.31
N ILE A 117 -4.27 -3.66 26.81
CA ILE A 117 -3.23 -4.69 26.94
C ILE A 117 -2.59 -5.03 25.56
N ALA A 118 -3.41 -5.36 24.57
CA ALA A 118 -2.93 -5.61 23.19
C ALA A 118 -1.94 -4.55 22.67
N HIS A 119 -2.37 -3.28 22.68
CA HIS A 119 -1.53 -2.19 22.21
C HIS A 119 -0.31 -1.95 23.09
N ASP A 120 -0.51 -2.01 24.39
CA ASP A 120 0.56 -1.73 25.38
C ASP A 120 1.73 -2.74 25.26
N ILE A 121 1.45 -4.02 25.47
CA ILE A 121 2.45 -5.07 25.34
C ILE A 121 3.01 -5.25 23.91
N SER A 122 2.19 -5.03 22.87
CA SER A 122 2.58 -5.42 21.51
C SER A 122 3.11 -4.29 20.63
N ALA A 123 2.77 -3.04 20.98
CA ALA A 123 3.22 -1.91 20.20
C ALA A 123 4.00 -0.90 21.00
N TYR A 124 3.45 -0.45 22.15
CA TYR A 124 4.12 0.62 22.86
C TYR A 124 5.50 0.16 23.26
N SER A 125 5.54 -1.06 23.78
CA SER A 125 6.77 -1.71 24.28
C SER A 125 7.99 -1.66 23.39
N PHE A 126 7.81 -1.82 22.08
CA PHE A 126 8.90 -1.60 21.11
C PHE A 126 9.42 -0.18 21.18
N VAL A 127 8.52 0.80 21.27
CA VAL A 127 8.92 2.22 21.37
C VAL A 127 9.67 2.50 22.70
N ALA A 128 9.25 1.84 23.78
CA ALA A 128 9.89 1.93 25.11
C ALA A 128 11.27 1.28 25.12
N MET A 129 11.35 0.00 24.79
CA MET A 129 12.65 -0.63 24.60
C MET A 129 13.61 0.23 23.75
N ALA A 130 13.18 0.69 22.58
CA ALA A 130 14.00 1.59 21.75
C ALA A 130 14.60 2.75 22.55
N ARG A 131 13.80 3.41 23.41
CA ARG A 131 14.27 4.60 24.14
C ARG A 131 15.31 4.20 25.20
N ALA A 132 14.92 3.25 26.06
CA ALA A 132 15.79 2.62 27.03
C ALA A 132 17.10 2.13 26.43
N ALA A 133 17.09 1.81 25.13
CA ALA A 133 18.23 1.26 24.38
C ALA A 133 19.00 2.26 23.54
N LYS A 134 18.50 3.49 23.42
CA LYS A 134 19.13 4.48 22.55
C LYS A 134 20.61 4.64 22.93
N PRO A 135 20.90 4.85 24.25
CA PRO A 135 22.30 5.09 24.63
C PRO A 135 23.28 3.99 24.15
N LEU A 136 23.06 2.77 24.61
CA LEU A 136 23.71 1.55 24.12
C LEU A 136 23.70 1.28 22.59
N LEU A 137 22.75 1.81 21.85
CA LEU A 137 22.74 1.68 20.38
C LEU A 137 23.49 2.78 19.61
N GLN A 138 23.55 4.00 20.17
CA GLN A 138 24.36 5.10 19.60
C GLN A 138 25.83 4.74 19.70
N ALA A 139 26.22 4.09 20.80
CA ALA A 139 27.60 3.63 20.98
C ALA A 139 28.11 2.86 19.76
N ARG A 140 27.30 1.94 19.21
CA ARG A 140 27.78 1.19 18.02
C ARG A 140 27.04 1.45 16.72
N GLN A 141 26.11 2.40 16.73
CA GLN A 141 25.20 2.63 15.60
C GLN A 141 24.50 1.30 15.24
N GLY A 142 23.97 0.65 16.25
CA GLY A 142 23.19 -0.55 16.07
C GLY A 142 21.79 -0.33 15.47
N CYS A 143 20.98 -1.37 15.50
CA CYS A 143 19.71 -1.34 14.83
C CYS A 143 18.65 -1.93 15.74
N LEU A 144 17.39 -1.66 15.40
CA LEU A 144 16.24 -2.31 16.04
C LEU A 144 15.47 -3.13 15.01
N LEU A 145 14.91 -4.23 15.46
CA LEU A 145 14.05 -5.09 14.65
C LEU A 145 12.93 -5.52 15.52
N THR A 146 11.73 -5.45 14.96
CA THR A 146 10.56 -6.10 15.54
C THR A 146 9.82 -7.11 14.59
N LEU A 147 8.85 -7.86 15.14
CA LEU A 147 8.08 -8.84 14.37
C LEU A 147 6.62 -8.42 14.24
N THR A 148 6.15 -8.34 12.99
CA THR A 148 4.74 -7.97 12.79
C THR A 148 4.04 -9.05 12.00
N TYR A 149 2.79 -8.78 11.63
CA TYR A 149 1.95 -9.75 10.97
C TYR A 149 1.00 -9.00 10.06
N GLN A 150 0.71 -9.54 8.88
CA GLN A 150 -0.07 -8.79 7.86
C GLN A 150 -1.60 -8.74 8.16
N GLY A 151 -2.01 -9.26 9.32
CA GLY A 151 -3.31 -8.98 9.89
C GLY A 151 -3.46 -7.51 10.23
N SER A 152 -2.37 -6.75 10.18
CA SER A 152 -2.44 -5.28 10.24
C SER A 152 -3.05 -4.62 9.01
N GLU A 153 -2.83 -5.23 7.84
CA GLU A 153 -3.19 -4.65 6.52
C GLU A 153 -4.48 -5.26 5.98
N ARG A 154 -4.69 -6.54 6.26
CA ARG A 154 -5.81 -7.24 5.69
C ARG A 154 -6.43 -8.05 6.82
N VAL A 155 -7.74 -8.28 6.76
CA VAL A 155 -8.44 -8.99 7.84
C VAL A 155 -8.19 -10.50 7.80
N MET A 156 -7.86 -11.07 8.95
CA MET A 156 -7.82 -12.52 9.21
C MET A 156 -8.86 -12.82 10.32
N PRO A 157 -9.65 -13.90 10.21
CA PRO A 157 -10.64 -14.09 11.29
C PRO A 157 -9.92 -14.34 12.64
N ASN A 158 -10.45 -13.76 13.72
CA ASN A 158 -9.97 -13.93 15.11
C ASN A 158 -8.59 -13.35 15.46
N TYR A 159 -7.94 -12.61 14.54
CA TYR A 159 -6.63 -11.99 14.86
C TYR A 159 -7.04 -10.66 15.47
N ASN A 160 -8.19 -10.14 15.04
CA ASN A 160 -8.91 -9.04 15.73
C ASN A 160 -8.06 -7.85 16.25
N VAL A 161 -8.08 -7.57 17.55
CA VAL A 161 -7.43 -6.36 18.11
C VAL A 161 -5.91 -6.36 17.91
N MET A 162 -5.35 -7.57 17.78
CA MET A 162 -3.94 -7.78 17.40
C MET A 162 -3.65 -7.18 16.02
N GLY A 163 -4.67 -7.05 15.15
CA GLY A 163 -4.56 -6.37 13.86
C GLY A 163 -4.20 -4.91 14.08
N MET A 164 -5.00 -4.29 14.95
CA MET A 164 -4.88 -2.86 15.28
C MET A 164 -3.54 -2.58 15.93
N ALA A 165 -3.16 -3.43 16.90
CA ALA A 165 -1.86 -3.35 17.62
C ALA A 165 -0.63 -3.47 16.70
N LYS A 166 -0.69 -4.40 15.74
CA LYS A 166 0.39 -4.58 14.76
C LYS A 166 0.50 -3.40 13.82
N ALA A 167 -0.65 -2.81 13.45
CA ALA A 167 -0.65 -1.66 12.55
C ALA A 167 -0.01 -0.51 13.24
N SER A 168 -0.28 -0.42 14.55
CA SER A 168 0.29 0.58 15.45
C SER A 168 1.82 0.37 15.48
N LEU A 169 2.22 -0.86 15.82
CA LEU A 169 3.63 -1.28 15.68
C LEU A 169 4.24 -0.78 14.38
N GLU A 170 3.60 -1.04 13.25
CA GLU A 170 4.19 -0.74 11.93
C GLU A 170 4.44 0.72 11.74
N ALA A 171 3.47 1.53 12.13
CA ALA A 171 3.64 2.96 12.09
C ALA A 171 4.78 3.37 13.06
N GLY A 172 4.84 2.72 14.21
CA GLY A 172 5.94 2.89 15.14
C GLY A 172 7.25 2.74 14.40
N VAL A 173 7.41 1.62 13.69
CA VAL A 173 8.66 1.38 12.96
C VAL A 173 9.09 2.59 12.18
N ARG A 174 8.14 3.20 11.46
CA ARG A 174 8.44 4.31 10.60
C ARG A 174 8.84 5.52 11.42
N TYR A 175 8.12 5.72 12.54
CA TYR A 175 8.37 6.92 13.35
C TYR A 175 9.72 6.83 14.02
N LEU A 176 10.05 5.65 14.56
CA LEU A 176 11.39 5.35 15.07
C LEU A 176 12.49 5.49 14.02
N ALA A 177 12.25 5.02 12.80
CA ALA A 177 13.30 5.06 11.78
C ALA A 177 13.64 6.49 11.46
N SER A 178 12.62 7.37 11.45
CA SER A 178 12.77 8.81 11.19
C SER A 178 13.41 9.51 12.38
N SER A 179 13.02 9.14 13.60
CA SER A 179 13.56 9.78 14.79
C SER A 179 15.08 9.42 14.89
N LEU A 180 15.41 8.12 14.81
CA LEU A 180 16.74 7.56 15.15
C LEU A 180 17.76 7.46 14.04
N GLY A 181 17.33 7.68 12.80
CA GLY A 181 18.17 7.52 11.65
C GLY A 181 19.30 8.54 11.66
N VAL A 182 18.97 9.74 12.15
CA VAL A 182 19.93 10.83 12.23
C VAL A 182 21.21 10.34 12.93
N ASP A 183 21.03 9.63 14.06
CA ASP A 183 22.07 8.95 14.83
C ASP A 183 22.61 7.64 14.20
N GLY A 184 22.25 7.32 12.96
CA GLY A 184 22.71 6.08 12.32
C GLY A 184 22.08 4.77 12.82
N ILE A 185 21.00 4.87 13.60
CA ILE A 185 20.20 3.71 14.01
C ILE A 185 19.12 3.32 12.99
N ARG A 186 19.20 2.09 12.50
CA ARG A 186 18.22 1.57 11.55
C ARG A 186 17.09 0.89 12.33
N VAL A 187 15.87 0.99 11.80
CA VAL A 187 14.72 0.40 12.45
C VAL A 187 13.89 -0.27 11.40
N ASN A 188 13.71 -1.59 11.56
CA ASN A 188 12.98 -2.41 10.59
C ASN A 188 12.12 -3.47 11.28
N ALA A 189 11.29 -4.12 10.46
CA ALA A 189 10.45 -5.20 10.93
C ALA A 189 10.44 -6.28 9.90
N ILE A 190 10.16 -7.49 10.38
CA ILE A 190 9.81 -8.62 9.57
C ILE A 190 8.34 -8.99 9.76
N SER A 191 7.60 -9.07 8.64
CA SER A 191 6.20 -9.54 8.67
C SER A 191 6.28 -10.99 8.29
N ALA A 192 6.15 -11.86 9.30
CA ALA A 192 6.30 -13.28 9.08
C ALA A 192 4.95 -13.91 8.79
N GLY A 193 4.93 -14.90 7.88
CA GLY A 193 3.80 -15.82 7.70
C GLY A 193 3.56 -16.50 9.03
N PRO A 194 2.38 -17.16 9.19
CA PRO A 194 2.01 -17.86 10.44
C PRO A 194 2.94 -19.03 10.72
N ILE A 195 3.31 -19.22 11.98
CA ILE A 195 4.16 -20.35 12.34
C ILE A 195 3.63 -20.90 13.62
N ARG A 196 3.64 -22.24 13.68
CA ARG A 196 3.26 -22.97 14.91
C ARG A 196 4.31 -22.78 15.98
N THR A 197 3.99 -21.88 16.90
CA THR A 197 4.81 -21.59 18.04
C THR A 197 3.81 -21.58 19.20
N LEU A 198 4.30 -21.27 20.39
CA LEU A 198 3.41 -21.01 21.50
C LEU A 198 2.63 -19.68 21.33
N ALA A 199 2.74 -19.05 20.15
CA ALA A 199 1.81 -17.97 19.74
C ALA A 199 0.52 -18.55 19.13
N ALA A 200 0.41 -19.88 19.11
CA ALA A 200 -0.78 -20.57 18.58
C ALA A 200 -1.64 -21.22 19.65
N SER A 201 -1.12 -21.32 20.86
CA SER A 201 -1.82 -22.06 21.90
C SER A 201 -3.11 -21.35 22.33
N GLY A 202 -4.22 -22.07 22.21
CA GLY A 202 -5.56 -21.54 22.47
C GLY A 202 -6.29 -20.96 21.26
N ILE A 203 -5.66 -21.06 20.08
CA ILE A 203 -6.21 -20.51 18.80
C ILE A 203 -6.81 -21.67 18.01
N LYS A 204 -8.14 -21.77 17.99
CA LYS A 204 -8.84 -23.05 17.61
C LYS A 204 -8.68 -23.30 16.13
N SER A 205 -8.60 -22.19 15.41
CA SER A 205 -8.50 -22.14 13.96
C SER A 205 -7.09 -22.46 13.42
N PHE A 206 -6.11 -22.60 14.31
CA PHE A 206 -4.72 -22.49 13.91
C PHE A 206 -4.25 -23.46 12.81
N ARG A 207 -4.55 -24.76 12.94
CA ARG A 207 -4.24 -25.78 11.89
C ARG A 207 -4.84 -25.43 10.55
N LYS A 208 -6.11 -25.01 10.57
CA LYS A 208 -6.84 -24.66 9.37
C LYS A 208 -6.34 -23.35 8.73
N MET A 209 -5.89 -22.38 9.55
CA MET A 209 -5.15 -21.17 9.09
C MET A 209 -3.83 -21.50 8.35
N LEU A 210 -3.03 -22.34 9.00
CA LEU A 210 -1.80 -22.86 8.47
C LEU A 210 -2.00 -23.65 7.17
N ASP A 211 -3.09 -24.37 7.11
CA ASP A 211 -3.41 -25.14 5.95
C ASP A 211 -3.90 -24.30 4.77
N ALA A 212 -4.63 -23.25 5.03
CA ALA A 212 -4.98 -22.30 4.00
C ALA A 212 -3.71 -21.56 3.47
N ASN A 213 -2.78 -21.23 4.37
CA ASN A 213 -1.61 -20.46 3.97
C ASN A 213 -0.81 -21.23 2.95
N GLU A 214 -0.73 -22.52 3.19
CA GLU A 214 0.06 -23.48 2.46
C GLU A 214 -0.48 -23.63 1.02
N LYS A 215 -1.79 -23.48 0.88
CA LYS A 215 -2.50 -23.54 -0.38
C LYS A 215 -2.41 -22.21 -1.13
N VAL A 216 -2.37 -21.09 -0.43
CA VAL A 216 -2.49 -19.83 -1.11
C VAL A 216 -1.11 -19.32 -1.57
N ALA A 217 -0.10 -19.55 -0.72
CA ALA A 217 1.24 -18.98 -0.89
C ALA A 217 1.95 -19.49 -2.13
N PRO A 218 2.48 -18.56 -2.99
CA PRO A 218 3.19 -18.89 -4.24
C PRO A 218 4.11 -20.13 -4.14
N LEU A 219 4.79 -20.30 -2.99
CA LEU A 219 5.74 -21.38 -2.79
C LEU A 219 5.09 -22.63 -2.22
N LYS A 220 3.80 -22.56 -1.89
CA LYS A 220 2.99 -23.75 -1.46
C LYS A 220 3.46 -24.39 -0.12
N ARG A 221 3.91 -23.56 0.82
CA ARG A 221 4.48 -24.05 2.06
C ARG A 221 4.52 -22.90 3.03
N ASN A 222 4.68 -23.28 4.29
CA ASN A 222 4.70 -22.33 5.35
C ASN A 222 6.14 -22.12 5.71
N VAL A 223 6.44 -20.91 6.15
CA VAL A 223 7.82 -20.56 6.48
C VAL A 223 8.15 -21.15 7.86
N THR A 224 9.43 -21.18 8.19
CA THR A 224 9.95 -21.68 9.45
C THR A 224 10.61 -20.56 10.22
N ILE A 225 10.99 -20.83 11.48
CA ILE A 225 11.76 -19.89 12.30
C ILE A 225 13.21 -19.73 11.80
N GLU A 226 13.67 -20.69 11.00
CA GLU A 226 15.00 -20.64 10.39
C GLU A 226 14.98 -19.61 9.24
N GLU A 227 13.87 -19.57 8.49
CA GLU A 227 13.70 -18.60 7.40
C GLU A 227 13.51 -17.16 7.94
N VAL A 228 12.79 -17.05 9.06
CA VAL A 228 12.56 -15.75 9.65
C VAL A 228 13.89 -15.31 10.28
N GLY A 229 14.56 -16.25 10.93
CA GLY A 229 15.89 -16.04 11.49
C GLY A 229 16.92 -15.50 10.53
N ASN A 230 17.09 -16.16 9.40
CA ASN A 230 18.02 -15.71 8.37
C ASN A 230 17.75 -14.30 7.80
N ALA A 231 16.48 -13.94 7.61
CA ALA A 231 16.08 -12.59 7.19
C ALA A 231 16.30 -11.59 8.34
N ALA A 232 16.10 -12.03 9.60
CA ALA A 232 16.41 -11.21 10.77
C ALA A 232 17.88 -10.89 10.81
N LEU A 233 18.68 -11.93 10.52
CA LEU A 233 20.13 -11.85 10.51
C LEU A 233 20.57 -10.78 9.53
N PHE A 234 20.05 -10.86 8.30
CA PHE A 234 20.37 -9.91 7.24
C PHE A 234 20.07 -8.46 7.65
N LEU A 235 18.90 -8.25 8.26
CA LEU A 235 18.42 -6.94 8.64
C LEU A 235 19.20 -6.41 9.82
N CYS A 236 19.83 -7.33 10.55
CA CYS A 236 20.70 -7.01 11.70
C CYS A 236 22.20 -6.88 11.35
N SER A 237 22.54 -6.82 10.06
CA SER A 237 23.91 -6.99 9.56
C SER A 237 24.22 -5.83 8.63
N PRO A 238 25.53 -5.53 8.39
CA PRO A 238 25.94 -4.44 7.49
C PRO A 238 25.45 -4.62 6.07
N TRP A 239 24.99 -5.81 5.68
CA TRP A 239 24.40 -5.96 4.37
C TRP A 239 23.11 -5.14 4.22
N ALA A 240 22.39 -4.94 5.34
CA ALA A 240 21.16 -4.15 5.35
C ALA A 240 21.39 -2.65 5.63
N SER A 241 22.60 -2.13 5.35
CA SER A 241 22.93 -0.75 5.79
C SER A 241 22.13 0.32 5.07
N GLY A 242 21.59 0.07 3.86
CA GLY A 242 20.75 1.04 3.08
C GLY A 242 19.23 0.96 3.31
N ILE A 243 18.81 0.23 4.34
CA ILE A 243 17.41 -0.11 4.58
C ILE A 243 17.00 0.33 5.97
N THR A 244 16.02 1.20 6.03
CA THR A 244 15.43 1.53 7.34
C THR A 244 13.96 1.78 7.13
N GLY A 245 13.18 1.59 8.18
CA GLY A 245 11.73 1.74 8.14
C GLY A 245 11.03 0.74 7.24
N GLU A 246 11.62 -0.42 7.03
CA GLU A 246 11.11 -1.42 6.08
C GLU A 246 10.34 -2.49 6.81
N ILE A 247 9.23 -2.90 6.22
CA ILE A 247 8.53 -4.07 6.73
C ILE A 247 8.81 -5.16 5.73
N LEU A 248 9.68 -6.10 6.10
CA LEU A 248 10.12 -7.14 5.14
C LEU A 248 9.24 -8.35 5.29
N TYR A 249 8.54 -8.74 4.23
CA TYR A 249 7.62 -9.92 4.27
C TYR A 249 8.37 -11.24 4.05
N VAL A 250 8.20 -12.15 5.02
CA VAL A 250 8.79 -13.51 5.01
C VAL A 250 7.62 -14.48 5.19
N ASP A 251 6.84 -14.62 4.12
CA ASP A 251 5.59 -15.33 4.17
C ASP A 251 5.44 -16.22 2.95
N ALA A 252 6.59 -16.57 2.37
CA ALA A 252 6.60 -17.32 1.11
C ALA A 252 5.67 -16.69 0.06
N GLY A 253 5.51 -15.37 0.12
CA GLY A 253 4.69 -14.66 -0.91
C GLY A 253 3.18 -14.58 -0.70
N PHE A 254 2.66 -15.13 0.38
CA PHE A 254 1.22 -15.12 0.66
C PHE A 254 0.58 -13.75 0.41
N ASN A 255 1.17 -12.67 0.95
CA ASN A 255 0.58 -11.33 0.83
C ASN A 255 0.34 -10.92 -0.62
N THR A 256 0.98 -11.57 -1.58
CA THR A 256 0.88 -11.09 -2.96
C THR A 256 -0.30 -11.67 -3.73
N VAL A 257 -0.99 -12.64 -3.11
CA VAL A 257 -2.10 -13.34 -3.74
C VAL A 257 -3.46 -12.72 -3.38
N GLY A 258 -4.22 -12.32 -4.41
CA GLY A 258 -5.57 -11.76 -4.25
C GLY A 258 -6.65 -12.83 -4.23
N MET A 259 -6.36 -13.95 -4.88
CA MET A 259 -6.99 -15.24 -4.68
C MET A 259 -6.29 -16.40 -5.43
N SER A 260 -6.40 -17.58 -4.83
CA SER A 260 -5.75 -18.78 -5.30
C SER A 260 -6.73 -19.66 -6.12
N GLN A 261 -6.21 -20.53 -6.99
CA GLN A 261 -6.99 -21.65 -7.53
C GLN A 261 -7.73 -22.37 -6.36
N SER A 262 -9.09 -22.39 -6.47
CA SER A 262 -10.08 -22.11 -5.35
C SER A 262 -9.72 -22.20 -3.83
N GLN B 3 -36.50 17.76 0.74
CA GLN B 3 -36.25 16.30 0.71
C GLN B 3 -35.23 15.96 -0.40
N GLY B 4 -33.95 16.03 -0.05
CA GLY B 4 -32.81 15.71 -0.95
C GLY B 4 -32.28 14.27 -0.85
N LEU B 5 -30.97 14.07 -0.98
CA LEU B 5 -30.40 12.71 -1.09
C LEU B 5 -30.58 11.85 0.17
N LEU B 6 -30.51 12.49 1.33
CA LEU B 6 -30.70 11.78 2.57
C LEU B 6 -32.07 12.05 3.24
N ALA B 7 -33.16 12.09 2.45
CA ALA B 7 -34.52 12.37 2.98
C ALA B 7 -35.00 11.25 3.93
N GLY B 8 -35.29 11.64 5.18
CA GLY B 8 -35.80 10.68 6.17
C GLY B 8 -34.83 9.62 6.63
N LYS B 9 -33.54 9.98 6.60
CA LYS B 9 -32.46 9.15 7.12
C LYS B 9 -31.85 9.85 8.34
N ARG B 10 -31.41 9.02 9.30
CA ARG B 10 -30.99 9.53 10.63
C ARG B 10 -29.50 9.31 10.83
N PHE B 11 -28.81 10.36 11.26
CA PHE B 11 -27.35 10.35 11.49
C PHE B 11 -26.98 10.96 12.84
N LEU B 12 -26.20 10.23 13.64
CA LEU B 12 -25.58 10.77 14.87
C LEU B 12 -24.09 11.16 14.62
N ILE B 13 -23.66 12.28 15.20
CA ILE B 13 -22.37 12.90 14.92
C ILE B 13 -21.61 13.21 16.19
N ALA B 14 -20.61 12.37 16.43
CA ALA B 14 -19.72 12.53 17.57
C ALA B 14 -18.51 13.33 17.08
N GLY B 15 -18.34 14.52 17.65
CA GLY B 15 -17.15 15.34 17.41
C GLY B 15 -17.23 16.80 16.99
N VAL B 16 -18.43 17.38 16.84
CA VAL B 16 -18.51 18.85 16.65
C VAL B 16 -17.96 19.54 17.90
N ALA B 17 -17.06 20.50 17.72
CA ALA B 17 -16.51 21.24 18.88
C ALA B 17 -16.59 22.73 18.65
N SER B 18 -16.25 23.15 17.43
CA SER B 18 -16.39 24.51 16.99
C SER B 18 -16.89 24.48 15.54
N LYS B 19 -16.96 25.64 14.91
CA LYS B 19 -17.41 25.73 13.52
C LYS B 19 -16.30 25.36 12.55
N LEU B 20 -15.06 25.32 13.05
CA LEU B 20 -13.94 24.82 12.23
C LEU B 20 -13.95 23.28 12.07
N SER B 21 -14.66 22.57 12.96
CA SER B 21 -14.61 21.09 13.05
C SER B 21 -14.97 20.42 11.74
N ILE B 22 -14.28 19.32 11.46
CA ILE B 22 -14.65 18.48 10.33
C ILE B 22 -16.07 17.95 10.54
N ALA B 23 -16.35 17.55 11.78
CA ALA B 23 -17.69 17.09 12.10
C ALA B 23 -18.80 18.14 11.78
N TYR B 24 -18.50 19.43 11.84
CA TYR B 24 -19.50 20.46 11.52
C TYR B 24 -19.70 20.49 10.02
N GLY B 25 -18.58 20.55 9.29
CA GLY B 25 -18.59 20.35 7.85
C GLY B 25 -19.46 19.17 7.42
N ILE B 26 -19.24 18.00 8.02
CA ILE B 26 -20.05 16.81 7.73
C ILE B 26 -21.56 17.08 8.04
N ALA B 27 -21.86 17.54 9.27
CA ALA B 27 -23.24 17.95 9.66
C ALA B 27 -23.91 18.82 8.61
N GLN B 28 -23.29 19.99 8.34
CA GLN B 28 -23.78 20.93 7.32
C GLN B 28 -24.14 20.19 6.04
N ALA B 29 -23.21 19.38 5.53
CA ALA B 29 -23.46 18.60 4.34
C ALA B 29 -24.63 17.63 4.50
N LEU B 30 -24.73 16.90 5.63
CA LEU B 30 -25.80 15.90 5.80
C LEU B 30 -27.22 16.53 6.03
N HIS B 31 -27.29 17.59 6.86
CA HIS B 31 -28.51 18.41 7.02
C HIS B 31 -28.97 18.93 5.68
N ARG B 32 -28.03 19.54 4.94
CA ARG B 32 -28.27 20.13 3.62
C ARG B 32 -28.97 19.17 2.67
N GLU B 33 -28.65 17.87 2.74
CA GLU B 33 -29.31 16.88 1.87
C GLU B 33 -30.48 16.14 2.53
N GLY B 34 -30.96 16.72 3.64
CA GLY B 34 -32.24 16.36 4.25
C GLY B 34 -32.24 15.32 5.36
N ALA B 35 -31.11 15.14 6.06
CA ALA B 35 -31.01 14.11 7.10
C ALA B 35 -31.41 14.63 8.45
N GLU B 36 -31.91 13.76 9.31
CA GLU B 36 -32.12 14.21 10.69
C GLU B 36 -30.91 13.89 11.51
N LEU B 37 -30.52 14.86 12.32
CA LEU B 37 -29.28 14.78 13.04
C LEU B 37 -29.43 14.59 14.56
N ALA B 38 -28.34 14.17 15.18
CA ALA B 38 -28.21 14.01 16.62
C ALA B 38 -26.73 14.13 16.91
N PHE B 39 -26.38 14.61 18.10
CA PHE B 39 -25.02 15.07 18.45
C PHE B 39 -24.64 14.58 19.83
N THR B 40 -23.34 14.47 20.08
CA THR B 40 -22.84 14.25 21.41
C THR B 40 -21.86 15.32 21.70
N TYR B 41 -21.53 15.46 22.96
CA TYR B 41 -20.53 16.43 23.45
C TYR B 41 -19.68 15.63 24.41
N PRO B 42 -18.37 15.98 24.50
CA PRO B 42 -17.39 15.29 25.37
C PRO B 42 -17.52 15.63 26.87
N ASN B 43 -17.81 16.91 27.18
CA ASN B 43 -17.84 17.44 28.55
C ASN B 43 -18.82 18.60 28.74
N GLU B 44 -19.14 18.93 29.98
CA GLU B 44 -20.01 20.07 30.28
C GLU B 44 -19.61 21.30 29.53
N LYS B 45 -18.39 21.75 29.75
CA LYS B 45 -17.91 23.00 29.14
C LYS B 45 -18.59 23.18 27.78
N LEU B 46 -18.71 22.08 27.04
CA LEU B 46 -19.14 22.08 25.63
C LEU B 46 -20.62 21.82 25.30
N LYS B 47 -21.36 21.26 26.26
CA LYS B 47 -22.82 21.04 26.16
C LYS B 47 -23.52 22.26 25.59
N LYS B 48 -23.05 23.43 26.02
CA LYS B 48 -23.64 24.68 25.66
C LYS B 48 -23.61 24.92 24.13
N ARG B 49 -22.41 25.03 23.54
CA ARG B 49 -22.21 25.30 22.08
C ARG B 49 -22.77 24.23 21.14
N VAL B 50 -22.70 22.95 21.58
CA VAL B 50 -23.23 21.78 20.82
C VAL B 50 -24.76 21.84 20.73
N ASP B 51 -25.41 22.17 21.87
CA ASP B 51 -26.86 22.44 21.95
C ASP B 51 -27.25 23.45 20.89
N GLU B 52 -26.55 24.60 20.87
CA GLU B 52 -26.73 25.65 19.84
C GLU B 52 -26.62 25.11 18.41
N PHE B 53 -25.47 24.46 18.12
CA PHE B 53 -25.19 23.87 16.80
C PHE B 53 -26.31 22.89 16.33
N ALA B 54 -26.78 22.04 17.26
CA ALA B 54 -27.89 21.12 17.04
C ALA B 54 -29.21 21.82 16.74
N GLU B 55 -29.47 22.89 17.50
CA GLU B 55 -30.61 23.79 17.29
C GLU B 55 -30.44 24.45 15.91
N GLN B 56 -29.23 24.92 15.62
CA GLN B 56 -28.83 25.35 14.26
C GLN B 56 -29.15 24.29 13.20
N PHE B 57 -29.17 23.00 13.57
CA PHE B 57 -29.51 21.93 12.60
C PHE B 57 -30.90 21.32 12.75
N GLY B 58 -31.78 22.02 13.48
CA GLY B 58 -33.17 21.60 13.67
C GLY B 58 -33.26 20.23 14.31
N SER B 59 -32.48 20.04 15.39
CA SER B 59 -32.48 18.83 16.20
C SER B 59 -32.30 19.14 17.68
N LYS B 60 -32.91 18.29 18.52
CA LYS B 60 -32.81 18.39 19.99
C LYS B 60 -32.42 17.01 20.55
N LEU B 61 -31.60 16.28 19.80
CA LEU B 61 -31.11 14.96 20.23
C LEU B 61 -29.61 15.11 20.50
N VAL B 62 -29.27 15.41 21.75
CA VAL B 62 -27.92 15.78 22.15
C VAL B 62 -27.62 15.03 23.45
N PHE B 63 -26.56 14.22 23.45
CA PHE B 63 -26.27 13.32 24.56
C PHE B 63 -24.82 13.46 25.03
N PRO B 64 -24.51 13.20 26.34
CA PRO B 64 -23.10 13.28 26.76
C PRO B 64 -22.32 12.03 26.38
N CYS B 65 -21.14 12.24 25.79
CA CYS B 65 -20.28 11.13 25.42
C CYS B 65 -18.81 11.48 25.49
N ASP B 66 -18.19 11.16 26.62
CA ASP B 66 -16.74 11.07 26.74
C ASP B 66 -16.43 9.61 26.43
N VAL B 67 -15.66 9.41 25.37
CA VAL B 67 -15.32 8.05 24.92
C VAL B 67 -14.40 7.28 25.89
N ALA B 68 -13.87 7.97 26.91
CA ALA B 68 -13.07 7.35 27.96
C ALA B 68 -13.89 6.44 28.89
N VAL B 69 -15.21 6.60 28.88
CA VAL B 69 -16.09 5.96 29.87
C VAL B 69 -17.08 5.07 29.14
N ASP B 70 -16.94 3.75 29.33
CA ASP B 70 -17.85 2.74 28.75
C ASP B 70 -19.35 2.95 29.05
N ALA B 71 -19.68 3.34 30.29
CA ALA B 71 -21.06 3.63 30.67
C ALA B 71 -21.64 4.71 29.75
N GLU B 72 -20.92 5.82 29.63
CA GLU B 72 -21.30 6.94 28.78
C GLU B 72 -21.58 6.65 27.28
N ILE B 73 -20.82 5.71 26.71
CA ILE B 73 -20.99 5.21 25.33
C ILE B 73 -22.30 4.43 25.27
N ASP B 74 -22.46 3.51 26.23
CA ASP B 74 -23.62 2.62 26.36
C ASP B 74 -24.92 3.40 26.56
N ASN B 75 -24.82 4.41 27.42
CA ASN B 75 -25.91 5.26 27.81
C ASN B 75 -26.35 6.23 26.72
N ALA B 76 -25.40 6.85 26.00
CA ALA B 76 -25.78 7.73 24.88
C ALA B 76 -26.55 6.96 23.80
N PHE B 77 -26.16 5.70 23.57
CA PHE B 77 -26.88 4.79 22.65
C PHE B 77 -28.19 4.15 23.18
N ALA B 78 -28.21 3.76 24.45
CA ALA B 78 -29.48 3.43 25.16
C ALA B 78 -30.48 4.63 25.12
N GLU B 79 -29.99 5.84 25.48
CA GLU B 79 -30.82 7.06 25.36
C GLU B 79 -31.34 7.32 23.93
N LEU B 80 -30.48 7.19 22.92
CA LEU B 80 -30.88 7.52 21.54
C LEU B 80 -32.04 6.67 21.01
N ALA B 81 -32.06 5.39 21.41
CA ALA B 81 -32.96 4.35 20.88
C ALA B 81 -34.42 4.57 21.30
N LYS B 82 -34.59 5.41 22.32
CA LYS B 82 -35.90 5.88 22.77
C LYS B 82 -36.59 6.68 21.65
N HIS B 83 -35.83 7.56 20.98
CA HIS B 83 -36.39 8.42 19.90
C HIS B 83 -36.33 7.81 18.49
N TRP B 84 -35.28 7.02 18.20
CA TRP B 84 -35.04 6.36 16.90
C TRP B 84 -34.93 4.83 17.09
N ASP B 85 -35.64 4.06 16.28
CA ASP B 85 -35.53 2.60 16.42
C ASP B 85 -34.57 2.02 15.38
N GLY B 86 -34.03 2.89 14.54
CA GLY B 86 -32.96 2.61 13.59
C GLY B 86 -32.19 3.90 13.30
N VAL B 87 -30.88 3.77 13.05
CA VAL B 87 -29.98 4.89 12.64
C VAL B 87 -29.31 4.54 11.28
N ASP B 88 -29.09 5.55 10.44
CA ASP B 88 -28.57 5.34 9.07
C ASP B 88 -27.06 5.54 8.94
N GLY B 89 -26.45 6.05 10.00
CA GLY B 89 -25.01 6.15 10.10
C GLY B 89 -24.63 6.81 11.41
N VAL B 90 -23.42 6.48 11.89
CA VAL B 90 -22.78 7.14 13.02
C VAL B 90 -21.44 7.65 12.52
N VAL B 91 -21.13 8.90 12.81
CA VAL B 91 -19.96 9.55 12.29
C VAL B 91 -19.07 9.81 13.47
N HIS B 92 -17.86 9.24 13.39
CA HIS B 92 -16.84 9.31 14.40
C HIS B 92 -15.71 10.25 13.97
N SER B 93 -15.65 11.39 14.64
CA SER B 93 -14.72 12.45 14.27
C SER B 93 -14.00 12.93 15.52
N ILE B 94 -13.49 11.97 16.28
CA ILE B 94 -12.81 12.26 17.53
C ILE B 94 -11.40 11.72 17.46
N GLY B 95 -10.44 12.57 17.81
CA GLY B 95 -9.07 12.14 17.98
C GLY B 95 -8.36 13.03 18.97
N PHE B 96 -7.53 12.44 19.83
CA PHE B 96 -6.82 13.16 20.85
C PHE B 96 -5.62 12.38 21.34
N ALA B 97 -4.55 13.12 21.56
CA ALA B 97 -3.40 12.66 22.34
C ALA B 97 -2.95 13.88 23.14
N PRO B 98 -2.34 13.69 24.33
CA PRO B 98 -1.78 14.80 25.12
C PRO B 98 -0.73 15.59 24.36
N ALA B 99 -0.93 16.91 24.29
CA ALA B 99 -0.06 17.85 23.52
C ALA B 99 1.46 17.68 23.70
N HIS B 100 1.87 17.05 24.81
CA HIS B 100 3.29 16.85 25.05
C HIS B 100 3.83 15.78 24.08
N THR B 101 3.02 14.72 23.79
CA THR B 101 3.48 13.67 22.85
C THR B 101 3.51 14.13 21.41
N LEU B 102 2.86 15.26 21.12
CA LEU B 102 2.90 15.90 19.77
C LEU B 102 4.01 16.96 19.53
N ASP B 103 4.93 17.10 20.50
CA ASP B 103 5.98 18.15 20.49
C ASP B 103 7.46 17.67 20.71
N GLY B 104 8.16 17.50 19.61
CA GLY B 104 9.58 17.15 19.57
C GLY B 104 9.82 15.79 18.93
N ASP B 105 10.69 15.02 19.59
CA ASP B 105 11.26 13.82 19.05
C ASP B 105 10.43 12.60 19.46
N PHE B 106 10.06 11.81 18.45
CA PHE B 106 9.15 10.67 18.66
C PHE B 106 9.61 9.84 19.86
N THR B 107 10.89 9.48 19.90
CA THR B 107 11.40 8.46 20.83
C THR B 107 11.51 9.01 22.24
N ASP B 108 11.85 10.30 22.33
CA ASP B 108 11.96 11.00 23.62
C ASP B 108 10.58 11.23 24.34
N VAL B 109 9.57 11.66 23.59
CA VAL B 109 8.32 12.08 24.21
C VAL B 109 7.18 11.02 24.40
N THR B 110 7.30 9.87 23.74
CA THR B 110 6.21 8.91 23.67
C THR B 110 6.23 7.92 24.88
N ASP B 111 5.62 8.35 25.98
CA ASP B 111 5.59 7.58 27.22
C ASP B 111 4.32 6.77 27.27
N ARG B 112 4.24 5.85 28.24
CA ARG B 112 3.21 4.84 28.28
C ARG B 112 1.80 5.40 28.33
N ASP B 113 1.54 6.27 29.31
CA ASP B 113 0.23 6.90 29.47
C ASP B 113 -0.11 7.71 28.20
N GLY B 114 0.82 8.52 27.71
CA GLY B 114 0.66 9.23 26.44
C GLY B 114 0.19 8.35 25.27
N PHE B 115 0.90 7.24 25.04
CA PHE B 115 0.52 6.24 24.04
C PHE B 115 -0.87 5.68 24.38
N LYS B 116 -1.08 5.33 25.66
CA LYS B 116 -2.32 4.71 26.15
C LYS B 116 -3.54 5.54 25.81
N ILE B 117 -3.42 6.85 26.06
CA ILE B 117 -4.50 7.81 25.83
C ILE B 117 -4.77 7.95 24.33
N ALA B 118 -3.72 8.16 23.55
CA ALA B 118 -3.84 8.29 22.08
C ALA B 118 -4.66 7.15 21.47
N HIS B 119 -4.26 5.93 21.77
CA HIS B 119 -4.92 4.73 21.27
C HIS B 119 -6.35 4.55 21.78
N ASP B 120 -6.51 4.65 23.10
CA ASP B 120 -7.81 4.70 23.78
C ASP B 120 -8.81 5.71 23.17
N ILE B 121 -8.50 7.01 23.18
CA ILE B 121 -9.43 8.00 22.61
C ILE B 121 -9.52 7.94 21.08
N SER B 122 -8.37 7.83 20.41
CA SER B 122 -8.35 8.00 18.95
C SER B 122 -8.73 6.74 18.19
N ALA B 123 -8.55 5.57 18.81
CA ALA B 123 -8.75 4.27 18.10
C ALA B 123 -9.79 3.32 18.71
N TYR B 124 -9.57 2.89 19.97
CA TYR B 124 -10.58 2.10 20.68
C TYR B 124 -11.99 2.68 20.62
N SER B 125 -12.10 4.00 20.80
CA SER B 125 -13.41 4.65 20.92
C SER B 125 -14.36 4.32 19.77
N PHE B 126 -13.81 4.28 18.55
CA PHE B 126 -14.57 3.95 17.33
C PHE B 126 -15.08 2.52 17.33
N VAL B 127 -14.33 1.60 17.93
CA VAL B 127 -14.72 0.20 17.96
C VAL B 127 -15.89 0.10 18.95
N ALA B 128 -15.73 0.76 20.10
CA ALA B 128 -16.71 0.78 21.18
C ALA B 128 -18.01 1.45 20.72
N MET B 129 -17.88 2.56 19.99
CA MET B 129 -19.06 3.21 19.46
C MET B 129 -19.75 2.32 18.45
N ALA B 130 -18.98 1.52 17.70
CA ALA B 130 -19.58 0.55 16.77
C ALA B 130 -20.41 -0.51 17.48
N ARG B 131 -19.90 -1.03 18.59
CA ARG B 131 -20.60 -2.11 19.33
C ARG B 131 -21.94 -1.59 19.92
N ALA B 132 -21.90 -0.39 20.49
CA ALA B 132 -23.07 0.28 21.02
C ALA B 132 -24.14 0.61 19.97
N ALA B 133 -23.72 1.06 18.79
CA ALA B 133 -24.68 1.45 17.75
C ALA B 133 -25.16 0.26 16.96
N LYS B 134 -24.62 -0.93 17.25
CA LYS B 134 -24.95 -2.09 16.43
C LYS B 134 -26.47 -2.40 16.30
N PRO B 135 -27.23 -2.47 17.42
CA PRO B 135 -28.67 -2.77 17.20
C PRO B 135 -29.37 -1.64 16.47
N LEU B 136 -29.10 -0.39 16.88
CA LEU B 136 -29.64 0.76 16.17
C LEU B 136 -29.26 0.76 14.67
N LEU B 137 -28.00 0.41 14.34
CA LEU B 137 -27.55 0.40 12.93
C LEU B 137 -28.17 -0.70 12.12
N GLN B 138 -28.30 -1.84 12.77
CA GLN B 138 -28.80 -3.08 12.20
C GLN B 138 -30.20 -2.98 11.65
N ALA B 139 -31.01 -2.07 12.22
CA ALA B 139 -32.43 -1.90 11.86
C ALA B 139 -32.65 -1.20 10.49
N ARG B 140 -31.78 -0.24 10.16
CA ARG B 140 -31.86 0.53 8.90
C ARG B 140 -30.69 0.22 7.95
N GLN B 141 -29.85 -0.71 8.38
CA GLN B 141 -28.57 -1.02 7.70
C GLN B 141 -27.72 0.24 7.46
N GLY B 142 -27.60 1.06 8.48
CA GLY B 142 -26.78 2.23 8.37
C GLY B 142 -25.32 1.89 8.34
N CYS B 143 -24.49 2.91 8.35
CA CYS B 143 -23.06 2.72 8.18
C CYS B 143 -22.32 3.41 9.30
N LEU B 144 -21.00 3.21 9.35
CA LEU B 144 -20.11 3.93 10.26
C LEU B 144 -19.11 4.67 9.40
N LEU B 145 -18.65 5.80 9.90
CA LEU B 145 -17.61 6.55 9.25
C LEU B 145 -16.71 7.08 10.35
N THR B 146 -15.41 7.11 10.09
CA THR B 146 -14.40 7.75 10.98
C THR B 146 -13.46 8.68 10.18
N LEU B 147 -12.66 9.49 10.89
CA LEU B 147 -11.67 10.38 10.26
C LEU B 147 -10.23 9.96 10.54
N THR B 148 -9.42 9.95 9.49
CA THR B 148 -8.05 9.60 9.72
C THR B 148 -7.16 10.57 9.03
N TYR B 149 -5.86 10.40 9.26
CA TYR B 149 -4.84 11.27 8.68
C TYR B 149 -3.68 10.41 8.24
N GLN B 150 -3.10 10.78 7.09
CA GLN B 150 -2.07 9.96 6.40
C GLN B 150 -0.67 9.87 7.08
N GLY B 151 -0.58 10.49 8.25
CA GLY B 151 0.51 10.34 9.15
C GLY B 151 0.54 8.94 9.67
N SER B 152 -0.53 8.18 9.40
CA SER B 152 -0.59 6.71 9.67
C SER B 152 0.41 5.93 8.84
N GLU B 153 0.57 6.36 7.59
CA GLU B 153 1.25 5.60 6.53
C GLU B 153 2.64 6.13 6.27
N ARG B 154 2.84 7.41 6.44
CA ARG B 154 4.13 8.01 6.26
C ARG B 154 4.41 8.97 7.39
N VAL B 155 5.66 9.36 7.56
CA VAL B 155 6.04 10.11 8.74
C VAL B 155 5.87 11.62 8.51
N MET B 156 5.13 12.26 9.41
CA MET B 156 5.12 13.74 9.52
C MET B 156 5.85 14.14 10.82
N PRO B 157 6.60 15.28 10.81
CA PRO B 157 7.15 15.78 12.07
C PRO B 157 6.06 16.09 13.10
N ASN B 158 6.33 15.67 14.33
CA ASN B 158 5.50 15.89 15.52
C ASN B 158 4.09 15.24 15.59
N TYR B 159 3.71 14.49 14.56
CA TYR B 159 2.40 13.79 14.55
C TYR B 159 2.57 12.50 15.42
N ASN B 160 3.80 12.01 15.44
CA ASN B 160 4.27 11.07 16.41
C ASN B 160 3.27 9.96 16.75
N VAL B 161 2.95 9.78 18.04
CA VAL B 161 2.13 8.63 18.46
C VAL B 161 0.74 8.60 17.81
N MET B 162 0.26 9.76 17.38
CA MET B 162 -1.03 9.86 16.68
C MET B 162 -0.97 9.09 15.36
N GLY B 163 0.26 8.96 14.81
CA GLY B 163 0.48 8.22 13.59
C GLY B 163 0.15 6.78 13.92
N MET B 164 0.54 6.34 15.10
CA MET B 164 0.31 4.96 15.47
C MET B 164 -1.16 4.67 15.71
N ALA B 165 -1.87 5.69 16.22
CA ALA B 165 -3.23 5.56 16.74
C ALA B 165 -4.14 5.56 15.56
N LYS B 166 -3.83 6.44 14.60
CA LYS B 166 -4.47 6.42 13.29
C LYS B 166 -4.28 5.14 12.50
N ALA B 167 -3.10 4.53 12.64
CA ALA B 167 -2.82 3.29 11.94
C ALA B 167 -3.68 2.20 12.60
N SER B 168 -3.78 2.27 13.92
CA SER B 168 -4.65 1.33 14.64
C SER B 168 -6.12 1.46 14.18
N LEU B 169 -6.58 2.72 14.20
CA LEU B 169 -7.91 3.13 13.76
C LEU B 169 -8.22 2.52 12.42
N GLU B 170 -7.38 2.81 11.43
CA GLU B 170 -7.56 2.29 10.06
C GLU B 170 -7.70 0.74 9.93
N ALA B 171 -6.90 0.00 10.70
CA ALA B 171 -7.13 -1.45 10.85
C ALA B 171 -8.50 -1.73 11.45
N GLY B 172 -8.90 -0.94 12.47
CA GLY B 172 -10.24 -1.08 13.07
C GLY B 172 -11.33 -0.97 12.03
N VAL B 173 -11.24 0.03 11.15
CA VAL B 173 -12.15 0.19 9.97
C VAL B 173 -12.31 -1.11 9.23
N ARG B 174 -11.21 -1.84 9.10
CA ARG B 174 -11.21 -3.02 8.25
C ARG B 174 -11.80 -4.16 9.02
N TYR B 175 -11.37 -4.35 10.26
CA TYR B 175 -11.98 -5.40 11.12
C TYR B 175 -13.46 -5.22 11.39
N LEU B 176 -13.88 -3.97 11.66
CA LEU B 176 -15.31 -3.67 11.84
C LEU B 176 -16.11 -4.05 10.59
N ALA B 177 -15.59 -3.61 9.43
CA ALA B 177 -16.19 -3.87 8.14
C ALA B 177 -16.46 -5.37 7.91
N SER B 178 -15.48 -6.23 8.22
CA SER B 178 -15.64 -7.68 8.03
C SER B 178 -16.63 -8.23 9.09
N SER B 179 -16.55 -7.70 10.32
CA SER B 179 -17.38 -8.11 11.44
C SER B 179 -18.86 -7.79 11.21
N LEU B 180 -19.13 -6.52 10.88
CA LEU B 180 -20.45 -5.95 10.66
C LEU B 180 -21.04 -6.11 9.25
N GLY B 181 -20.23 -6.58 8.30
CA GLY B 181 -20.60 -6.71 6.90
C GLY B 181 -21.80 -7.62 6.62
N VAL B 182 -21.88 -8.74 7.33
CA VAL B 182 -22.96 -9.73 7.14
C VAL B 182 -24.35 -9.15 7.42
N ASP B 183 -24.40 -8.19 8.34
CA ASP B 183 -25.58 -7.38 8.66
C ASP B 183 -25.81 -6.16 7.73
N GLY B 184 -25.01 -6.00 6.68
CA GLY B 184 -25.13 -4.87 5.73
C GLY B 184 -24.72 -3.47 6.22
N ILE B 185 -24.07 -3.43 7.38
CA ILE B 185 -23.44 -2.22 7.96
C ILE B 185 -22.09 -2.02 7.25
N ARG B 186 -21.89 -0.83 6.65
CA ARG B 186 -20.68 -0.53 5.85
C ARG B 186 -19.83 0.34 6.77
N VAL B 187 -18.51 0.18 6.70
CA VAL B 187 -17.63 0.90 7.61
C VAL B 187 -16.50 1.52 6.77
N ASN B 188 -16.41 2.84 6.85
CA ASN B 188 -15.52 3.55 5.98
C ASN B 188 -14.84 4.66 6.73
N ALA B 189 -13.77 5.21 6.13
CA ALA B 189 -13.11 6.38 6.66
C ALA B 189 -12.68 7.32 5.55
N ILE B 190 -12.52 8.57 5.94
CA ILE B 190 -11.88 9.59 5.15
C ILE B 190 -10.50 9.96 5.72
N SER B 191 -9.51 10.02 4.83
CA SER B 191 -8.20 10.54 5.19
C SER B 191 -8.09 11.92 4.65
N ALA B 192 -8.17 12.89 5.52
CA ALA B 192 -8.30 14.26 5.01
C ALA B 192 -6.95 14.90 5.09
N GLY B 193 -6.72 15.85 4.19
CA GLY B 193 -5.54 16.65 4.25
C GLY B 193 -5.64 17.57 5.47
N PRO B 194 -4.52 18.21 5.82
CA PRO B 194 -4.52 19.06 7.00
C PRO B 194 -5.44 20.31 6.79
N ILE B 195 -6.26 20.60 7.80
CA ILE B 195 -7.13 21.78 7.79
C ILE B 195 -6.89 22.49 9.10
N ARG B 196 -6.88 23.82 9.05
CA ARG B 196 -6.78 24.61 10.31
C ARG B 196 -8.05 24.65 11.17
N THR B 197 -8.07 23.78 12.18
CA THR B 197 -9.20 23.60 13.10
C THR B 197 -8.66 23.58 14.57
N LEU B 198 -9.48 23.20 15.54
CA LEU B 198 -9.06 23.09 16.96
C LEU B 198 -8.02 21.97 17.15
N ALA B 199 -8.01 21.05 16.20
CA ALA B 199 -6.96 20.04 16.08
C ALA B 199 -5.56 20.65 15.83
N ALA B 200 -5.51 21.85 15.21
CA ALA B 200 -4.27 22.61 15.01
C ALA B 200 -3.73 23.31 16.25
N SER B 201 -4.48 23.33 17.36
CA SER B 201 -4.14 24.20 18.48
C SER B 201 -2.99 23.67 19.32
N GLY B 202 -2.01 24.55 19.55
CA GLY B 202 -0.82 24.22 20.35
C GLY B 202 0.29 23.61 19.49
N ILE B 203 0.09 23.57 18.16
CA ILE B 203 1.10 23.00 17.26
C ILE B 203 1.79 24.11 16.51
N LYS B 204 2.98 24.44 17.03
CA LYS B 204 3.79 25.58 16.59
C LYS B 204 4.02 25.48 15.09
N SER B 205 4.32 24.26 14.64
CA SER B 205 4.70 23.97 13.25
C SER B 205 3.55 24.07 12.23
N PHE B 206 2.30 24.11 12.70
CA PHE B 206 1.13 24.04 11.81
C PHE B 206 1.12 24.94 10.57
N ARG B 207 1.48 26.18 10.72
CA ARG B 207 1.41 27.10 9.64
C ARG B 207 2.21 26.63 8.46
N LYS B 208 3.49 26.39 8.73
CA LYS B 208 4.54 26.11 7.73
C LYS B 208 4.25 24.71 7.16
N MET B 209 3.83 23.82 8.07
CA MET B 209 3.24 22.53 7.73
C MET B 209 2.14 22.65 6.65
N LEU B 210 1.29 23.65 6.80
CA LEU B 210 0.15 23.87 5.90
C LEU B 210 0.62 24.46 4.57
N ASP B 211 1.71 25.24 4.59
CA ASP B 211 2.19 25.91 3.41
C ASP B 211 2.94 24.93 2.51
N ALA B 212 3.54 23.90 3.11
CA ALA B 212 4.21 22.83 2.34
C ALA B 212 3.17 22.05 1.55
N ASN B 213 2.08 21.67 2.22
CA ASN B 213 0.96 21.00 1.62
C ASN B 213 0.46 21.68 0.38
N GLU B 214 0.28 23.01 0.48
CA GLU B 214 -0.11 23.88 -0.63
C GLU B 214 0.78 23.77 -1.87
N LYS B 215 2.10 23.81 -1.67
CA LYS B 215 3.09 23.68 -2.76
C LYS B 215 3.16 22.25 -3.34
N VAL B 216 2.96 21.23 -2.51
CA VAL B 216 3.06 19.81 -2.96
C VAL B 216 1.75 19.27 -3.62
N ALA B 217 0.57 19.50 -3.00
CA ALA B 217 -0.68 18.90 -3.50
C ALA B 217 -0.80 19.21 -4.98
N PRO B 218 -1.16 18.20 -5.79
CA PRO B 218 -1.48 18.32 -7.20
C PRO B 218 -2.42 19.50 -7.59
N LEU B 219 -3.48 19.70 -6.80
CA LEU B 219 -4.42 20.80 -7.02
C LEU B 219 -3.91 22.18 -6.52
N LYS B 220 -2.76 22.21 -5.84
CA LYS B 220 -2.03 23.44 -5.40
C LYS B 220 -2.84 24.34 -4.47
N ARG B 221 -3.47 23.71 -3.48
CA ARG B 221 -4.31 24.39 -2.48
C ARG B 221 -4.60 23.44 -1.32
N ASN B 222 -4.96 23.97 -0.16
CA ASN B 222 -5.47 23.13 0.95
C ASN B 222 -6.95 22.70 0.78
N VAL B 223 -7.37 21.64 1.46
CA VAL B 223 -8.80 21.29 1.42
C VAL B 223 -9.52 21.96 2.61
N THR B 224 -10.86 21.94 2.54
CA THR B 224 -11.80 22.60 3.47
C THR B 224 -12.73 21.56 4.05
N ILE B 225 -13.28 21.84 5.25
CA ILE B 225 -14.37 21.00 5.82
C ILE B 225 -15.58 20.73 4.90
N GLU B 226 -15.85 21.63 3.94
CA GLU B 226 -16.92 21.45 2.93
C GLU B 226 -16.64 20.25 2.05
N GLU B 227 -15.41 20.22 1.50
CA GLU B 227 -14.95 19.13 0.68
C GLU B 227 -14.91 17.82 1.44
N VAL B 228 -14.49 17.88 2.69
CA VAL B 228 -14.51 16.70 3.50
C VAL B 228 -15.94 16.27 3.81
N GLY B 229 -16.80 17.24 4.13
CA GLY B 229 -18.24 17.00 4.37
C GLY B 229 -18.94 16.37 3.18
N ASN B 230 -18.69 16.91 1.98
CA ASN B 230 -19.30 16.33 0.81
C ASN B 230 -18.84 14.89 0.54
N ALA B 231 -17.59 14.58 0.91
CA ALA B 231 -17.06 13.23 0.76
C ALA B 231 -17.77 12.31 1.75
N ALA B 232 -17.94 12.80 2.98
CA ALA B 232 -18.57 12.06 4.08
C ALA B 232 -20.04 11.81 3.75
N LEU B 233 -20.72 12.83 3.23
CA LEU B 233 -22.06 12.70 2.69
C LEU B 233 -22.16 11.55 1.68
N PHE B 234 -21.22 11.51 0.74
CA PHE B 234 -21.18 10.40 -0.25
C PHE B 234 -21.10 9.03 0.42
N LEU B 235 -20.08 8.88 1.28
CA LEU B 235 -19.87 7.65 2.04
C LEU B 235 -21.05 7.22 2.96
N CYS B 236 -21.93 8.19 3.29
CA CYS B 236 -23.16 7.95 4.10
C CYS B 236 -24.46 7.90 3.26
N SER B 237 -24.32 7.77 1.95
CA SER B 237 -25.40 7.90 1.01
C SER B 237 -25.65 6.57 0.35
N PRO B 238 -26.87 6.36 -0.19
CA PRO B 238 -27.02 5.16 -1.03
C PRO B 238 -26.02 5.05 -2.22
N TRP B 239 -25.30 6.13 -2.56
CA TRP B 239 -24.35 6.07 -3.69
C TRP B 239 -23.09 5.27 -3.36
N ALA B 240 -22.80 5.15 -2.06
CA ALA B 240 -21.63 4.41 -1.57
C ALA B 240 -21.89 2.94 -1.21
N SER B 241 -23.03 2.41 -1.67
CA SER B 241 -23.56 1.15 -1.21
C SER B 241 -22.64 -0.07 -1.51
N GLY B 242 -21.77 0.03 -2.53
CA GLY B 242 -20.83 -1.08 -2.85
C GLY B 242 -19.45 -0.90 -2.21
N ILE B 243 -19.34 0.08 -1.30
CA ILE B 243 -18.07 0.47 -0.70
C ILE B 243 -18.03 0.30 0.84
N THR B 244 -17.09 -0.53 1.30
CA THR B 244 -16.83 -0.72 2.71
C THR B 244 -15.39 -1.13 2.93
N GLY B 245 -14.89 -0.84 4.14
CA GLY B 245 -13.49 -1.05 4.46
C GLY B 245 -12.55 -0.06 3.79
N GLU B 246 -13.07 1.01 3.17
CA GLU B 246 -12.30 1.96 2.35
C GLU B 246 -11.78 3.16 3.12
N ILE B 247 -10.50 3.47 2.86
CA ILE B 247 -9.93 4.72 3.30
C ILE B 247 -9.91 5.72 2.10
N LEU B 248 -10.79 6.74 2.16
CA LEU B 248 -10.93 7.70 1.07
C LEU B 248 -10.14 8.97 1.33
N TYR B 249 -9.20 9.25 0.41
CA TYR B 249 -8.27 10.37 0.57
C TYR B 249 -8.91 11.63 0.03
N VAL B 250 -9.13 12.59 0.92
CA VAL B 250 -9.56 13.91 0.55
C VAL B 250 -8.46 14.87 0.97
N ASP B 251 -7.48 15.04 0.09
CA ASP B 251 -6.23 15.69 0.48
C ASP B 251 -5.64 16.40 -0.72
N ALA B 252 -6.49 16.68 -1.69
CA ALA B 252 -6.07 17.32 -2.92
C ALA B 252 -5.00 16.54 -3.72
N GLY B 253 -4.86 15.24 -3.46
CA GLY B 253 -3.88 14.38 -4.14
C GLY B 253 -2.49 14.40 -3.48
N PHE B 254 -2.36 15.06 -2.33
CA PHE B 254 -1.10 15.14 -1.63
C PHE B 254 -0.40 13.80 -1.44
N ASN B 255 -1.11 12.81 -0.91
CA ASN B 255 -0.60 11.43 -0.77
C ASN B 255 0.09 10.87 -2.01
N THR B 256 -0.25 11.35 -3.22
CA THR B 256 0.30 10.70 -4.42
C THR B 256 1.67 11.21 -4.91
N VAL B 257 2.23 12.18 -4.21
CA VAL B 257 3.36 12.86 -4.74
C VAL B 257 4.58 12.47 -3.91
N GLY B 258 5.63 12.02 -4.59
CA GLY B 258 6.88 11.68 -3.90
C GLY B 258 7.86 12.84 -3.82
N MET B 259 7.94 13.61 -4.90
CA MET B 259 8.75 14.81 -4.90
C MET B 259 8.07 15.85 -5.73
N SER B 260 8.07 17.07 -5.24
CA SER B 260 7.55 18.20 -5.98
C SER B 260 8.65 19.14 -6.38
N GLN B 261 8.49 19.90 -7.43
CA GLN B 261 9.50 20.96 -7.68
C GLN B 261 9.78 21.57 -6.25
N SER B 262 11.06 21.53 -5.84
CA SER B 262 11.52 21.26 -4.43
C SER B 262 11.09 22.38 -3.48
N GLN C 3 34.97 -20.46 -0.59
CA GLN C 3 33.66 -20.92 -0.03
C GLN C 3 33.06 -20.00 1.08
N GLY C 4 32.34 -18.97 0.62
CA GLY C 4 31.46 -18.14 1.44
C GLY C 4 30.01 -18.54 1.20
N LEU C 5 29.10 -17.57 1.10
CA LEU C 5 27.64 -17.85 1.08
C LEU C 5 27.02 -18.38 -0.22
N LEU C 6 27.60 -17.99 -1.34
CA LEU C 6 27.18 -18.45 -2.67
C LEU C 6 28.20 -19.42 -3.37
N ALA C 7 29.08 -20.05 -2.58
CA ALA C 7 29.94 -21.18 -3.04
C ALA C 7 29.22 -22.19 -3.96
N GLY C 8 29.70 -22.33 -5.21
CA GLY C 8 29.15 -23.30 -6.15
C GLY C 8 27.82 -22.95 -6.80
N LYS C 9 27.48 -21.65 -6.78
CA LYS C 9 26.22 -21.17 -7.40
C LYS C 9 26.54 -20.26 -8.57
N ARG C 10 25.60 -20.16 -9.49
CA ARG C 10 25.84 -19.55 -10.79
C ARG C 10 24.73 -18.52 -11.07
N PHE C 11 25.09 -17.34 -11.57
CA PHE C 11 24.17 -16.23 -11.77
C PHE C 11 24.43 -15.53 -13.05
N LEU C 12 23.38 -15.31 -13.82
CA LEU C 12 23.41 -14.52 -15.04
C LEU C 12 22.95 -13.11 -14.68
N ILE C 13 23.78 -12.10 -14.96
CA ILE C 13 23.54 -10.69 -14.67
C ILE C 13 23.39 -9.93 -15.98
N ALA C 14 22.22 -9.36 -16.18
CA ALA C 14 21.90 -8.61 -17.38
C ALA C 14 21.84 -7.13 -17.04
N GLY C 15 22.68 -6.34 -17.68
CA GLY C 15 22.69 -4.89 -17.50
C GLY C 15 23.86 -4.21 -16.82
N VAL C 16 25.01 -4.88 -16.74
CA VAL C 16 26.25 -4.17 -16.41
C VAL C 16 26.58 -3.34 -17.66
N ALA C 17 26.65 -2.02 -17.51
CA ALA C 17 26.98 -1.08 -18.63
C ALA C 17 28.23 -0.28 -18.38
N SER C 18 28.52 0.01 -17.10
CA SER C 18 29.75 0.70 -16.68
C SER C 18 30.03 0.31 -15.23
N LYS C 19 31.11 0.83 -14.63
CA LYS C 19 31.46 0.40 -13.26
C LYS C 19 30.70 1.13 -12.13
N LEU C 20 29.86 2.07 -12.55
CA LEU C 20 28.87 2.70 -11.67
C LEU C 20 27.53 1.96 -11.59
N SER C 21 27.27 1.09 -12.57
CA SER C 21 26.02 0.35 -12.74
C SER C 21 25.53 -0.33 -11.48
N ILE C 22 24.21 -0.53 -11.42
CA ILE C 22 23.62 -1.27 -10.32
C ILE C 22 24.07 -2.72 -10.43
N ALA C 23 23.98 -3.24 -11.64
CA ALA C 23 24.35 -4.59 -11.94
C ALA C 23 25.82 -4.84 -11.55
N TYR C 24 26.65 -3.79 -11.57
CA TYR C 24 28.05 -3.95 -11.22
C TYR C 24 28.23 -4.21 -9.73
N GLY C 25 27.66 -3.34 -8.91
CA GLY C 25 27.65 -3.58 -7.46
C GLY C 25 27.03 -4.96 -7.10
N ILE C 26 26.06 -5.43 -7.89
CA ILE C 26 25.49 -6.76 -7.64
C ILE C 26 26.51 -7.90 -7.98
N ALA C 27 26.97 -7.94 -9.24
CA ALA C 27 28.05 -8.80 -9.70
C ALA C 27 29.12 -8.94 -8.62
N GLN C 28 29.65 -7.79 -8.22
CA GLN C 28 30.72 -7.66 -7.23
C GLN C 28 30.36 -8.25 -5.88
N ALA C 29 29.10 -8.08 -5.48
CA ALA C 29 28.61 -8.66 -4.24
C ALA C 29 28.48 -10.18 -4.36
N LEU C 30 27.97 -10.70 -5.48
CA LEU C 30 27.78 -12.15 -5.66
C LEU C 30 29.13 -12.91 -5.83
N HIS C 31 30.05 -12.35 -6.64
CA HIS C 31 31.41 -12.86 -6.83
C HIS C 31 32.15 -12.92 -5.50
N ARG C 32 32.10 -11.82 -4.75
CA ARG C 32 32.71 -11.76 -3.43
C ARG C 32 32.32 -12.98 -2.57
N GLU C 33 31.08 -13.46 -2.74
CA GLU C 33 30.57 -14.50 -1.85
C GLU C 33 30.60 -15.85 -2.54
N GLY C 34 31.24 -15.89 -3.71
CA GLY C 34 31.70 -17.13 -4.30
C GLY C 34 31.05 -17.51 -5.61
N ALA C 35 30.06 -16.75 -6.04
CA ALA C 35 29.31 -17.13 -7.22
C ALA C 35 30.18 -17.03 -8.47
N GLU C 36 29.88 -17.87 -9.43
CA GLU C 36 30.43 -17.82 -10.73
C GLU C 36 29.37 -17.08 -11.48
N LEU C 37 29.82 -16.18 -12.36
CA LEU C 37 28.94 -15.24 -13.02
C LEU C 37 28.93 -15.36 -14.52
N ALA C 38 27.79 -15.02 -15.11
CA ALA C 38 27.63 -14.91 -16.55
C ALA C 38 26.94 -13.56 -16.87
N PHE C 39 27.22 -12.98 -18.03
CA PHE C 39 26.82 -11.61 -18.34
C PHE C 39 26.26 -11.52 -19.72
N THR C 40 25.27 -10.64 -19.89
CA THR C 40 24.88 -10.21 -21.22
C THR C 40 25.41 -8.81 -21.52
N TYR C 41 25.39 -8.45 -22.81
CA TYR C 41 25.70 -7.11 -23.33
C TYR C 41 24.60 -6.74 -24.38
N PRO C 42 24.18 -5.45 -24.46
CA PRO C 42 23.01 -5.09 -25.30
C PRO C 42 23.21 -4.93 -26.83
N ASN C 43 24.44 -4.68 -27.25
CA ASN C 43 24.81 -4.35 -28.64
C ASN C 43 26.32 -4.48 -28.83
N GLU C 44 26.78 -4.44 -30.09
CA GLU C 44 28.23 -4.56 -30.40
C GLU C 44 29.14 -3.58 -29.64
N LYS C 45 28.70 -2.32 -29.56
CA LYS C 45 29.49 -1.23 -28.96
C LYS C 45 29.83 -1.38 -27.45
N LEU C 46 29.17 -2.30 -26.76
CA LEU C 46 29.43 -2.54 -25.33
C LEU C 46 30.19 -3.84 -25.07
N LYS C 47 30.23 -4.70 -26.08
CA LYS C 47 30.75 -6.08 -25.97
C LYS C 47 32.10 -6.14 -25.27
N LYS C 48 32.98 -5.20 -25.61
CA LYS C 48 34.34 -5.20 -25.07
C LYS C 48 34.44 -4.92 -23.56
N ARG C 49 33.75 -3.88 -23.08
CA ARG C 49 33.78 -3.52 -21.65
C ARG C 49 33.14 -4.60 -20.76
N VAL C 50 32.07 -5.22 -21.27
CA VAL C 50 31.42 -6.34 -20.56
C VAL C 50 32.36 -7.57 -20.46
N ASP C 51 32.96 -7.97 -21.60
CA ASP C 51 34.04 -9.00 -21.65
C ASP C 51 35.11 -8.70 -20.59
N GLU C 52 35.58 -7.45 -20.60
CA GLU C 52 36.50 -6.93 -19.59
C GLU C 52 35.99 -7.09 -18.17
N PHE C 53 34.76 -6.64 -17.95
CA PHE C 53 34.13 -6.74 -16.65
C PHE C 53 33.95 -8.21 -16.19
N ALA C 54 33.57 -9.10 -17.13
CA ALA C 54 33.39 -10.54 -16.83
C ALA C 54 34.72 -11.12 -16.40
N GLU C 55 35.74 -10.85 -17.23
CA GLU C 55 37.12 -11.17 -16.96
C GLU C 55 37.51 -10.71 -15.56
N GLN C 56 37.11 -9.50 -15.24
CA GLN C 56 37.32 -8.94 -13.95
C GLN C 56 36.85 -9.88 -12.87
N PHE C 57 35.67 -10.45 -13.07
CA PHE C 57 34.96 -11.34 -12.12
C PHE C 57 35.08 -12.83 -12.42
N GLY C 58 36.23 -13.22 -12.98
CA GLY C 58 36.61 -14.59 -13.29
C GLY C 58 35.75 -15.35 -14.29
N SER C 59 35.19 -14.67 -15.29
CA SER C 59 34.22 -15.35 -16.16
C SER C 59 34.50 -15.16 -17.62
N LYS C 60 34.21 -16.21 -18.37
CA LYS C 60 34.29 -16.15 -19.82
C LYS C 60 32.88 -16.32 -20.40
N LEU C 61 31.88 -16.33 -19.52
CA LEU C 61 30.49 -16.57 -19.90
C LEU C 61 29.77 -15.23 -20.17
N VAL C 62 29.73 -14.83 -21.44
CA VAL C 62 29.38 -13.46 -21.85
C VAL C 62 28.62 -13.48 -23.17
N PHE C 63 27.39 -12.96 -23.23
CA PHE C 63 26.55 -13.15 -24.43
C PHE C 63 25.83 -11.90 -24.98
N PRO C 64 25.47 -11.89 -26.28
CA PRO C 64 24.63 -10.77 -26.70
C PRO C 64 23.17 -11.02 -26.36
N CYS C 65 22.52 -9.97 -25.85
CA CYS C 65 21.09 -9.98 -25.56
C CYS C 65 20.45 -8.57 -25.59
N ASP C 66 19.87 -8.24 -26.74
CA ASP C 66 18.93 -7.13 -26.86
C ASP C 66 17.48 -7.60 -26.64
N VAL C 67 16.91 -7.11 -25.54
CA VAL C 67 15.59 -7.57 -25.06
C VAL C 67 14.44 -7.04 -25.89
N ALA C 68 14.75 -6.17 -26.87
CA ALA C 68 13.77 -5.75 -27.88
C ALA C 68 13.37 -6.91 -28.81
N VAL C 69 14.27 -7.90 -28.90
CA VAL C 69 14.24 -8.99 -29.90
C VAL C 69 14.18 -10.37 -29.24
N ASP C 70 13.01 -11.00 -29.38
CA ASP C 70 12.70 -12.30 -28.82
C ASP C 70 13.84 -13.27 -29.05
N ALA C 71 14.21 -13.44 -30.34
CA ALA C 71 15.26 -14.40 -30.77
C ALA C 71 16.57 -14.22 -29.99
N GLU C 72 17.00 -12.98 -29.73
CA GLU C 72 18.19 -12.72 -28.88
C GLU C 72 18.04 -13.13 -27.43
N ILE C 73 16.80 -13.28 -26.96
CA ILE C 73 16.50 -13.74 -25.59
C ILE C 73 16.53 -15.28 -25.59
N ASP C 74 15.73 -15.90 -26.47
CA ASP C 74 15.76 -17.36 -26.67
C ASP C 74 17.22 -17.77 -26.80
N ASN C 75 17.93 -17.07 -27.69
CA ASN C 75 19.33 -17.32 -28.05
C ASN C 75 20.27 -17.34 -26.86
N ALA C 76 20.36 -16.22 -26.15
CA ALA C 76 21.31 -16.06 -25.07
C ALA C 76 21.20 -17.10 -23.95
N PHE C 77 19.99 -17.60 -23.73
CA PHE C 77 19.79 -18.72 -22.80
C PHE C 77 20.13 -20.08 -23.41
N ALA C 78 19.83 -20.26 -24.70
CA ALA C 78 20.28 -21.46 -25.44
C ALA C 78 21.81 -21.57 -25.39
N GLU C 79 22.49 -20.48 -25.70
CA GLU C 79 23.94 -20.38 -25.57
C GLU C 79 24.44 -20.70 -24.16
N LEU C 80 23.68 -20.27 -23.16
CA LEU C 80 24.10 -20.47 -21.78
C LEU C 80 23.97 -21.96 -21.33
N ALA C 81 22.86 -22.58 -21.70
CA ALA C 81 22.66 -24.03 -21.51
C ALA C 81 23.87 -24.89 -21.94
N LYS C 82 24.50 -24.52 -23.08
CA LYS C 82 25.77 -25.14 -23.53
C LYS C 82 26.85 -25.24 -22.44
N HIS C 83 26.90 -24.26 -21.54
CA HIS C 83 27.94 -24.21 -20.51
C HIS C 83 27.37 -24.65 -19.17
N TRP C 84 26.15 -24.21 -18.84
CA TRP C 84 25.52 -24.52 -17.55
C TRP C 84 24.33 -25.47 -17.64
N ASP C 85 24.29 -26.46 -16.76
CA ASP C 85 23.15 -27.39 -16.69
C ASP C 85 22.04 -26.91 -15.73
N GLY C 86 22.26 -25.73 -15.16
CA GLY C 86 21.32 -25.08 -14.23
C GLY C 86 21.90 -23.83 -13.59
N VAL C 87 21.00 -22.91 -13.25
CA VAL C 87 21.40 -21.58 -12.77
C VAL C 87 20.66 -21.21 -11.49
N ASP C 88 21.36 -20.56 -10.56
CA ASP C 88 20.83 -20.24 -9.23
C ASP C 88 20.14 -18.89 -9.16
N GLY C 89 20.02 -18.22 -10.31
CA GLY C 89 19.43 -16.92 -10.36
C GLY C 89 19.80 -16.07 -11.56
N VAL C 90 18.83 -15.28 -12.00
CA VAL C 90 19.02 -14.32 -13.06
C VAL C 90 18.64 -12.92 -12.52
N VAL C 91 19.58 -11.99 -12.66
CA VAL C 91 19.41 -10.61 -12.24
C VAL C 91 19.14 -9.73 -13.46
N HIS C 92 17.98 -9.06 -13.45
CA HIS C 92 17.56 -8.19 -14.54
C HIS C 92 17.61 -6.72 -14.09
N SER C 93 18.51 -5.93 -14.68
CA SER C 93 18.81 -4.55 -14.24
C SER C 93 18.83 -3.72 -15.51
N ILE C 94 17.67 -3.58 -16.11
CA ILE C 94 17.52 -3.01 -17.42
C ILE C 94 16.27 -2.14 -17.39
N GLY C 95 16.47 -0.85 -17.63
CA GLY C 95 15.39 0.11 -17.80
C GLY C 95 15.70 1.23 -18.78
N PHE C 96 14.85 1.37 -19.79
CA PHE C 96 14.98 2.43 -20.75
C PHE C 96 13.64 3.08 -21.16
N ALA C 97 13.67 4.37 -21.49
CA ALA C 97 12.58 5.11 -22.17
C ALA C 97 13.19 6.20 -23.10
N PRO C 98 12.62 6.42 -24.32
CA PRO C 98 13.24 7.44 -25.18
C PRO C 98 13.30 8.76 -24.42
N ALA C 99 14.44 9.44 -24.48
CA ALA C 99 14.77 10.50 -23.54
C ALA C 99 13.77 11.63 -23.53
N HIS C 100 13.11 11.90 -24.65
CA HIS C 100 12.11 12.97 -24.74
C HIS C 100 10.86 12.68 -23.88
N THR C 101 10.68 11.43 -23.45
CA THR C 101 9.58 11.10 -22.51
C THR C 101 9.92 11.51 -21.07
N LEU C 102 11.21 11.73 -20.80
CA LEU C 102 11.72 11.99 -19.43
C LEU C 102 12.06 13.39 -19.12
N ASP C 103 11.44 14.31 -19.88
CA ASP C 103 11.79 15.72 -19.84
C ASP C 103 10.58 16.60 -20.19
N GLY C 104 10.01 17.20 -19.14
CA GLY C 104 8.83 18.03 -19.24
C GLY C 104 7.57 17.39 -18.68
N ASP C 105 6.45 17.90 -19.17
CA ASP C 105 5.14 17.59 -18.66
C ASP C 105 4.65 16.23 -19.16
N PHE C 106 4.20 15.41 -18.21
CA PHE C 106 3.81 14.01 -18.46
C PHE C 106 2.80 13.88 -19.61
N THR C 107 1.72 14.67 -19.54
CA THR C 107 0.64 14.67 -20.53
C THR C 107 1.08 15.12 -21.93
N ASP C 108 1.92 16.16 -22.00
CA ASP C 108 2.46 16.65 -23.30
C ASP C 108 3.41 15.65 -23.97
N VAL C 109 4.33 15.07 -23.22
CA VAL C 109 5.43 14.32 -23.81
C VAL C 109 5.24 12.81 -23.94
N THR C 110 4.22 12.26 -23.28
CA THR C 110 4.02 10.82 -23.32
C THR C 110 3.29 10.37 -24.60
N ASP C 111 4.05 9.91 -25.59
CA ASP C 111 3.47 9.56 -26.87
C ASP C 111 3.49 8.04 -27.05
N ARG C 112 2.67 7.55 -27.99
CA ARG C 112 2.40 6.15 -28.13
C ARG C 112 3.66 5.27 -28.28
N ASP C 113 4.53 5.63 -29.22
CA ASP C 113 5.80 4.92 -29.39
C ASP C 113 6.69 5.03 -28.14
N GLY C 114 6.65 6.15 -27.42
CA GLY C 114 7.54 6.33 -26.25
C GLY C 114 7.11 5.41 -25.10
N PHE C 115 5.79 5.33 -24.93
CA PHE C 115 5.14 4.49 -23.95
C PHE C 115 5.46 3.05 -24.28
N LYS C 116 5.30 2.68 -25.55
CA LYS C 116 5.52 1.29 -26.00
C LYS C 116 6.89 0.81 -25.57
N ILE C 117 7.88 1.59 -26.03
CA ILE C 117 9.30 1.33 -25.83
C ILE C 117 9.61 1.21 -24.32
N ALA C 118 9.15 2.17 -23.52
CA ALA C 118 9.44 2.14 -22.07
C ALA C 118 8.99 0.83 -21.43
N HIS C 119 7.84 0.34 -21.86
CA HIS C 119 7.16 -0.80 -21.26
C HIS C 119 7.76 -2.10 -21.78
N ASP C 120 8.02 -2.11 -23.09
CA ASP C 120 8.75 -3.19 -23.75
C ASP C 120 10.09 -3.55 -23.07
N ILE C 121 11.04 -2.61 -23.04
CA ILE C 121 12.36 -2.82 -22.49
C ILE C 121 12.33 -2.95 -20.97
N SER C 122 11.57 -2.10 -20.27
CA SER C 122 11.69 -2.00 -18.80
C SER C 122 10.89 -3.06 -18.03
N ALA C 123 9.78 -3.51 -18.60
CA ALA C 123 8.83 -4.39 -17.90
C ALA C 123 8.67 -5.76 -18.60
N TYR C 124 8.23 -5.75 -19.84
CA TYR C 124 8.09 -7.01 -20.59
C TYR C 124 9.33 -7.85 -20.61
N SER C 125 10.48 -7.20 -20.76
CA SER C 125 11.78 -7.85 -20.75
C SER C 125 12.06 -8.76 -19.54
N PHE C 126 11.63 -8.35 -18.34
CA PHE C 126 11.78 -9.22 -17.16
C PHE C 126 10.97 -10.50 -17.37
N VAL C 127 9.77 -10.40 -17.94
CA VAL C 127 8.87 -11.53 -18.24
C VAL C 127 9.43 -12.47 -19.33
N ALA C 128 9.96 -11.89 -20.41
CA ALA C 128 10.63 -12.65 -21.51
C ALA C 128 11.83 -13.45 -21.00
N MET C 129 12.67 -12.81 -20.19
CA MET C 129 13.85 -13.44 -19.65
C MET C 129 13.55 -14.55 -18.69
N ALA C 130 12.42 -14.40 -17.99
CA ALA C 130 11.94 -15.36 -17.01
C ALA C 130 11.58 -16.69 -17.65
N ARG C 131 10.84 -16.64 -18.76
CA ARG C 131 10.39 -17.84 -19.50
C ARG C 131 11.57 -18.55 -20.11
N ALA C 132 12.46 -17.78 -20.72
CA ALA C 132 13.67 -18.33 -21.30
C ALA C 132 14.56 -18.95 -20.21
N ALA C 133 14.60 -18.35 -19.03
CA ALA C 133 15.42 -18.92 -17.95
C ALA C 133 14.74 -20.04 -17.16
N LYS C 134 13.44 -20.27 -17.43
CA LYS C 134 12.65 -21.23 -16.63
C LYS C 134 13.32 -22.61 -16.57
N PRO C 135 13.55 -23.27 -17.76
CA PRO C 135 14.18 -24.60 -17.73
C PRO C 135 15.48 -24.65 -16.90
N LEU C 136 16.39 -23.71 -17.14
CA LEU C 136 17.62 -23.60 -16.32
C LEU C 136 17.46 -23.25 -14.80
N LEU C 137 16.53 -22.33 -14.48
CA LEU C 137 16.24 -22.02 -13.08
C LEU C 137 15.59 -23.20 -12.38
N GLN C 138 14.67 -23.86 -13.08
CA GLN C 138 13.98 -25.06 -12.54
C GLN C 138 14.96 -26.10 -12.04
N ALA C 139 16.08 -26.26 -12.75
CA ALA C 139 17.06 -27.31 -12.46
C ALA C 139 17.82 -27.14 -11.13
N ARG C 140 17.91 -25.90 -10.62
CA ARG C 140 18.54 -25.63 -9.30
C ARG C 140 17.61 -24.94 -8.29
N GLN C 141 16.36 -24.71 -8.67
CA GLN C 141 15.38 -23.94 -7.87
C GLN C 141 16.00 -22.55 -7.52
N GLY C 142 16.53 -21.92 -8.57
CA GLY C 142 17.07 -20.59 -8.50
C GLY C 142 15.99 -19.51 -8.49
N CYS C 143 16.45 -18.28 -8.36
CA CYS C 143 15.56 -17.13 -8.29
C CYS C 143 15.71 -16.10 -9.43
N LEU C 144 14.76 -15.16 -9.45
CA LEU C 144 14.79 -14.02 -10.32
C LEU C 144 14.80 -12.78 -9.44
N LEU C 145 15.44 -11.74 -9.96
CA LEU C 145 15.58 -10.42 -9.29
C LEU C 145 15.57 -9.31 -10.35
N THR C 146 14.75 -8.28 -10.12
CA THR C 146 14.72 -7.08 -10.96
C THR C 146 14.94 -5.83 -10.09
N LEU C 147 15.15 -4.68 -10.76
CA LEU C 147 15.37 -3.41 -10.09
C LEU C 147 14.23 -2.53 -10.44
N THR C 148 13.61 -1.98 -9.40
CA THR C 148 12.56 -1.00 -9.68
C THR C 148 12.87 0.31 -8.98
N TYR C 149 12.01 1.32 -9.16
CA TYR C 149 12.08 2.61 -8.46
C TYR C 149 10.69 3.07 -8.03
N GLN C 150 10.62 3.74 -6.87
CA GLN C 150 9.35 4.21 -6.25
C GLN C 150 8.51 5.19 -7.02
N GLY C 151 9.08 5.78 -8.06
CA GLY C 151 8.29 6.49 -9.09
C GLY C 151 7.11 5.73 -9.64
N SER C 152 7.09 4.42 -9.48
CA SER C 152 5.84 3.65 -9.73
C SER C 152 4.68 4.05 -8.79
N GLU C 153 5.00 4.20 -7.51
CA GLU C 153 4.01 4.34 -6.43
C GLU C 153 3.59 5.79 -6.17
N ARG C 154 4.54 6.71 -6.35
CA ARG C 154 4.40 8.14 -6.06
C ARG C 154 5.04 8.98 -7.19
N VAL C 155 4.44 10.12 -7.53
CA VAL C 155 4.93 10.97 -8.62
C VAL C 155 6.31 11.64 -8.35
N MET C 156 7.18 11.58 -9.35
CA MET C 156 8.45 12.33 -9.34
C MET C 156 8.48 13.17 -10.58
N PRO C 157 9.01 14.38 -10.59
CA PRO C 157 8.92 15.33 -11.72
C PRO C 157 9.00 15.08 -13.29
N ASN C 158 10.01 14.44 -13.83
CA ASN C 158 10.07 13.96 -15.21
C ASN C 158 10.20 12.44 -15.35
N TYR C 159 10.07 11.70 -14.24
CA TYR C 159 10.09 10.25 -14.31
C TYR C 159 8.96 9.69 -15.22
N ASN C 160 7.80 10.35 -15.17
CA ASN C 160 6.80 10.22 -16.23
C ASN C 160 6.50 8.75 -16.60
N VAL C 161 6.65 8.38 -17.87
CA VAL C 161 6.14 7.15 -18.36
C VAL C 161 6.96 5.97 -17.80
N MET C 162 8.07 6.25 -17.13
CA MET C 162 8.87 5.21 -16.49
C MET C 162 8.22 4.77 -15.18
N GLY C 163 7.40 5.65 -14.61
CA GLY C 163 6.59 5.35 -13.43
C GLY C 163 5.57 4.31 -13.81
N MET C 164 4.94 4.47 -14.99
CA MET C 164 3.99 3.50 -15.50
C MET C 164 4.64 2.15 -15.81
N ALA C 165 5.85 2.24 -16.36
CA ALA C 165 6.67 1.06 -16.67
C ALA C 165 7.07 0.27 -15.44
N LYS C 166 7.63 0.96 -14.45
CA LYS C 166 8.03 0.30 -13.22
C LYS C 166 6.82 -0.29 -12.49
N ALA C 167 5.66 0.35 -12.57
CA ALA C 167 4.47 -0.14 -11.89
C ALA C 167 4.06 -1.43 -12.55
N SER C 168 4.15 -1.46 -13.89
CA SER C 168 3.87 -2.68 -14.65
C SER C 168 4.86 -3.78 -14.35
N LEU C 169 6.12 -3.39 -14.26
CA LEU C 169 7.14 -4.26 -13.83
C LEU C 169 6.86 -4.90 -12.47
N GLU C 170 6.59 -4.08 -11.44
CA GLU C 170 6.29 -4.61 -10.09
C GLU C 170 5.11 -5.61 -10.11
N ALA C 171 4.05 -5.33 -10.86
CA ALA C 171 2.98 -6.32 -11.06
C ALA C 171 3.51 -7.58 -11.73
N GLY C 172 4.33 -7.40 -12.77
CA GLY C 172 5.14 -8.51 -13.29
C GLY C 172 5.77 -9.38 -12.20
N VAL C 173 6.49 -8.80 -11.23
CA VAL C 173 7.15 -9.54 -10.16
C VAL C 173 6.15 -10.46 -9.41
N ARG C 174 4.95 -9.94 -9.15
CA ARG C 174 3.94 -10.66 -8.39
C ARG C 174 3.39 -11.81 -9.25
N TYR C 175 2.98 -11.54 -10.50
CA TYR C 175 2.52 -12.54 -11.44
C TYR C 175 3.53 -13.68 -11.66
N LEU C 176 4.81 -13.31 -11.81
CA LEU C 176 5.89 -14.26 -12.03
C LEU C 176 6.03 -15.17 -10.82
N ALA C 177 6.07 -14.53 -9.63
CA ALA C 177 6.13 -15.19 -8.34
C ALA C 177 5.08 -16.32 -8.15
N SER C 178 3.83 -16.05 -8.47
CA SER C 178 2.77 -17.07 -8.40
C SER C 178 2.87 -18.16 -9.46
N SER C 179 3.25 -17.78 -10.67
CA SER C 179 3.41 -18.72 -11.74
C SER C 179 4.59 -19.69 -11.49
N LEU C 180 5.71 -19.16 -11.00
CA LEU C 180 6.96 -19.91 -10.83
C LEU C 180 7.25 -20.50 -9.43
N GLY C 181 6.40 -20.17 -8.47
CA GLY C 181 6.58 -20.61 -7.10
C GLY C 181 6.34 -22.11 -6.88
N VAL C 182 5.36 -22.68 -7.60
CA VAL C 182 5.07 -24.12 -7.52
C VAL C 182 6.35 -24.89 -7.82
N ASP C 183 7.12 -24.38 -8.79
CA ASP C 183 8.43 -24.91 -9.17
C ASP C 183 9.57 -24.48 -8.26
N GLY C 184 9.27 -23.81 -7.15
CA GLY C 184 10.33 -23.39 -6.21
C GLY C 184 11.18 -22.17 -6.62
N ILE C 185 10.83 -21.53 -7.73
CA ILE C 185 11.53 -20.33 -8.20
C ILE C 185 10.99 -19.07 -7.46
N ARG C 186 11.84 -18.39 -6.69
CA ARG C 186 11.50 -17.12 -6.04
C ARG C 186 11.70 -15.93 -7.01
N VAL C 187 10.74 -15.02 -7.13
CA VAL C 187 10.91 -13.80 -7.94
C VAL C 187 10.78 -12.58 -7.02
N ASN C 188 11.81 -11.73 -6.99
CA ASN C 188 11.80 -10.52 -6.18
C ASN C 188 12.31 -9.26 -6.92
N ALA C 189 12.05 -8.08 -6.34
CA ALA C 189 12.60 -6.81 -6.76
C ALA C 189 13.26 -6.13 -5.60
N ILE C 190 14.28 -5.33 -5.96
CA ILE C 190 14.79 -4.26 -5.15
C ILE C 190 14.33 -2.91 -5.72
N SER C 191 13.75 -2.10 -4.83
CA SER C 191 13.40 -0.70 -5.18
C SER C 191 14.49 0.18 -4.60
N ALA C 192 15.39 0.67 -5.46
CA ALA C 192 16.60 1.40 -4.98
C ALA C 192 16.32 2.88 -4.93
N GLY C 193 16.76 3.55 -3.88
CA GLY C 193 16.89 5.02 -3.92
C GLY C 193 17.71 5.45 -5.15
N PRO C 194 17.69 6.78 -5.49
CA PRO C 194 18.42 7.26 -6.70
C PRO C 194 19.98 7.23 -6.55
N ILE C 195 20.68 6.95 -7.66
CA ILE C 195 22.18 6.77 -7.70
C ILE C 195 22.68 7.32 -9.03
N ARG C 196 23.77 8.09 -9.05
CA ARG C 196 24.28 8.60 -10.33
C ARG C 196 25.06 7.61 -11.17
N THR C 197 24.47 7.22 -12.29
CA THR C 197 24.91 6.08 -13.11
C THR C 197 24.52 6.47 -14.52
N LEU C 198 24.82 5.65 -15.54
CA LEU C 198 24.36 5.96 -16.93
C LEU C 198 22.81 6.15 -17.12
N ALA C 199 22.01 5.68 -16.14
CA ALA C 199 20.55 5.93 -16.09
C ALA C 199 20.16 7.38 -15.71
N ALA C 200 21.16 8.16 -15.23
CA ALA C 200 21.09 9.65 -14.96
C ALA C 200 21.47 10.49 -16.18
N SER C 201 22.03 9.83 -17.17
CA SER C 201 22.82 10.50 -18.17
C SER C 201 21.96 11.02 -19.36
N GLY C 202 21.38 12.20 -19.09
CA GLY C 202 20.44 12.94 -19.92
C GLY C 202 19.47 13.74 -19.02
N ILE C 203 19.52 13.51 -17.72
CA ILE C 203 18.40 13.83 -16.82
C ILE C 203 18.57 15.19 -16.17
N LYS C 204 17.79 16.14 -16.62
CA LYS C 204 18.11 17.53 -16.44
C LYS C 204 18.17 17.97 -15.01
N SER C 205 17.30 17.42 -14.20
CA SER C 205 17.17 17.79 -12.82
C SER C 205 17.81 16.78 -11.87
N PHE C 206 18.66 15.88 -12.38
CA PHE C 206 19.16 14.78 -11.55
C PHE C 206 19.83 15.26 -10.28
N ARG C 207 20.79 16.18 -10.41
CA ARG C 207 21.49 16.75 -9.23
C ARG C 207 20.52 17.22 -8.15
N LYS C 208 19.50 17.99 -8.56
CA LYS C 208 18.54 18.57 -7.61
C LYS C 208 17.85 17.47 -6.80
N MET C 209 17.40 16.41 -7.48
CA MET C 209 16.77 15.25 -6.84
C MET C 209 17.66 14.56 -5.84
N LEU C 210 18.91 14.33 -6.22
CA LEU C 210 19.87 13.59 -5.36
C LEU C 210 20.09 14.33 -4.05
N ASP C 211 20.11 15.65 -4.15
CA ASP C 211 20.21 16.54 -2.99
C ASP C 211 18.91 16.54 -2.15
N ALA C 212 17.75 16.63 -2.82
CA ALA C 212 16.49 16.52 -2.04
C ALA C 212 16.40 15.18 -1.30
N ASN C 213 16.73 14.12 -2.03
CA ASN C 213 16.63 12.79 -1.46
C ASN C 213 17.41 12.64 -0.17
N GLU C 214 18.64 13.13 -0.22
CA GLU C 214 19.58 13.11 0.87
C GLU C 214 19.06 13.84 2.10
N LYS C 215 18.34 14.95 1.88
CA LYS C 215 17.71 15.74 2.97
C LYS C 215 16.49 15.01 3.57
N VAL C 216 15.63 14.48 2.68
CA VAL C 216 14.43 13.74 3.09
C VAL C 216 14.71 12.35 3.70
N ALA C 217 15.70 11.60 3.19
CA ALA C 217 15.94 10.23 3.70
C ALA C 217 16.25 10.23 5.20
N PRO C 218 15.62 9.29 5.96
CA PRO C 218 15.87 9.29 7.40
C PRO C 218 17.34 9.06 7.77
N LEU C 219 18.12 8.48 6.84
CA LEU C 219 19.52 8.23 7.12
C LEU C 219 20.40 9.37 6.64
N LYS C 220 19.79 10.32 5.93
CA LYS C 220 20.41 11.61 5.61
C LYS C 220 21.59 11.46 4.65
N ARG C 221 21.58 10.38 3.89
CA ARG C 221 22.55 10.10 2.84
C ARG C 221 21.89 9.37 1.69
N ASN C 222 22.53 9.43 0.51
CA ASN C 222 22.17 8.58 -0.60
C ASN C 222 22.66 7.11 -0.50
N VAL C 223 21.99 6.19 -1.18
CA VAL C 223 22.45 4.82 -1.12
C VAL C 223 23.51 4.55 -2.19
N THR C 224 24.38 3.58 -1.90
CA THR C 224 25.43 3.19 -2.85
C THR C 224 25.08 1.90 -3.54
N ILE C 225 25.81 1.65 -4.61
CA ILE C 225 25.72 0.37 -5.33
C ILE C 225 26.19 -0.83 -4.51
N GLU C 226 27.04 -0.58 -3.53
CA GLU C 226 27.43 -1.63 -2.62
C GLU C 226 26.24 -2.06 -1.76
N GLU C 227 25.39 -1.10 -1.37
CA GLU C 227 24.23 -1.38 -0.49
C GLU C 227 23.11 -2.07 -1.26
N VAL C 228 22.90 -1.68 -2.51
CA VAL C 228 21.92 -2.31 -3.32
C VAL C 228 22.48 -3.73 -3.60
N GLY C 229 23.80 -3.86 -3.69
CA GLY C 229 24.51 -5.14 -4.07
C GLY C 229 24.34 -6.16 -2.97
N ASN C 230 24.63 -5.74 -1.74
CA ASN C 230 24.48 -6.59 -0.60
C ASN C 230 23.03 -7.08 -0.44
N ALA C 231 22.07 -6.31 -0.95
CA ALA C 231 20.65 -6.62 -0.75
C ALA C 231 20.22 -7.63 -1.79
N ALA C 232 20.69 -7.41 -3.02
CA ALA C 232 20.47 -8.33 -4.14
C ALA C 232 21.04 -9.69 -3.78
N LEU C 233 22.25 -9.69 -3.18
CA LEU C 233 22.92 -10.86 -2.67
C LEU C 233 22.00 -11.59 -1.72
N PHE C 234 21.49 -10.87 -0.70
CA PHE C 234 20.54 -11.45 0.25
C PHE C 234 19.37 -12.12 -0.50
N LEU C 235 18.63 -11.37 -1.33
CA LEU C 235 17.51 -11.94 -2.07
C LEU C 235 17.91 -13.08 -3.01
N CYS C 236 19.22 -13.16 -3.27
CA CYS C 236 19.76 -14.13 -4.21
C CYS C 236 20.35 -15.38 -3.52
N SER C 237 20.26 -15.40 -2.18
CA SER C 237 20.90 -16.38 -1.34
C SER C 237 19.89 -17.30 -0.59
N PRO C 238 20.31 -18.51 -0.17
CA PRO C 238 19.42 -19.30 0.77
C PRO C 238 18.92 -18.56 2.05
N TRP C 239 19.50 -17.40 2.37
CA TRP C 239 18.94 -16.62 3.48
C TRP C 239 17.54 -16.03 3.17
N ALA C 240 17.20 -15.90 1.88
CA ALA C 240 15.91 -15.34 1.43
C ALA C 240 14.86 -16.39 1.03
N SER C 241 15.06 -17.66 1.45
CA SER C 241 14.24 -18.80 1.03
C SER C 241 12.75 -18.64 1.30
N GLY C 242 12.41 -17.97 2.40
CA GLY C 242 11.01 -17.70 2.74
C GLY C 242 10.37 -16.47 2.09
N ILE C 243 11.04 -15.85 1.11
CA ILE C 243 10.64 -14.53 0.55
C ILE C 243 10.49 -14.57 -0.94
N THR C 244 9.28 -14.28 -1.43
CA THR C 244 9.08 -14.14 -2.87
C THR C 244 7.94 -13.14 -3.15
N GLY C 245 7.90 -12.58 -4.34
CA GLY C 245 6.91 -11.54 -4.70
C GLY C 245 7.16 -10.20 -3.99
N GLU C 246 8.29 -10.08 -3.29
CA GLU C 246 8.63 -8.89 -2.49
C GLU C 246 9.32 -7.74 -3.23
N ILE C 247 8.87 -6.51 -3.03
CA ILE C 247 9.63 -5.33 -3.43
C ILE C 247 10.41 -4.79 -2.21
N LEU C 248 11.73 -5.02 -2.20
CA LEU C 248 12.56 -4.53 -1.11
C LEU C 248 13.11 -3.13 -1.39
N TYR C 249 12.91 -2.25 -0.42
CA TYR C 249 13.30 -0.84 -0.49
C TYR C 249 14.68 -0.67 0.12
N VAL C 250 15.64 -0.28 -0.72
CA VAL C 250 16.99 0.11 -0.30
C VAL C 250 17.09 1.54 -0.76
N ASP C 251 16.59 2.42 0.11
CA ASP C 251 16.44 3.84 -0.23
C ASP C 251 16.70 4.67 0.99
N ALA C 252 17.34 4.08 2.00
CA ALA C 252 17.63 4.79 3.23
C ALA C 252 16.39 5.27 3.97
N GLY C 253 15.21 4.66 3.70
CA GLY C 253 13.96 5.07 4.36
C GLY C 253 13.17 6.17 3.64
N PHE C 254 13.68 6.61 2.48
CA PHE C 254 13.02 7.67 1.76
C PHE C 254 11.50 7.49 1.64
N ASN C 255 11.08 6.31 1.19
CA ASN C 255 9.65 6.02 0.88
C ASN C 255 8.74 6.24 2.12
N THR C 256 9.29 6.13 3.32
CA THR C 256 8.49 6.21 4.55
C THR C 256 8.19 7.66 5.05
N VAL C 257 8.69 8.69 4.35
CA VAL C 257 8.61 10.05 4.83
C VAL C 257 7.52 10.80 4.10
N GLY C 258 6.54 11.27 4.86
CA GLY C 258 5.47 12.14 4.28
C GLY C 258 5.96 13.57 4.17
N MET C 259 6.45 14.14 5.28
CA MET C 259 7.25 15.37 5.15
C MET C 259 8.45 15.50 6.08
N SER C 260 9.44 16.24 5.60
CA SER C 260 10.58 16.53 6.43
C SER C 260 10.80 18.01 6.67
N GLN C 261 11.36 18.35 7.81
CA GLN C 261 11.60 19.72 8.10
C GLN C 261 11.94 20.38 6.79
N SER C 262 11.26 21.50 6.58
CA SER C 262 10.77 22.05 5.29
C SER C 262 11.91 22.44 4.36
N GLN D 3 -33.23 18.93 -13.67
CA GLN D 3 -32.00 19.59 -13.13
C GLN D 3 -31.60 19.03 -11.75
N GLY D 4 -30.75 18.00 -11.78
CA GLY D 4 -30.14 17.38 -10.57
C GLY D 4 -28.72 17.88 -10.26
N LEU D 5 -27.86 16.97 -9.78
CA LEU D 5 -26.52 17.35 -9.29
C LEU D 5 -25.53 17.80 -10.38
N LEU D 6 -25.72 17.27 -11.59
CA LEU D 6 -24.89 17.57 -12.73
C LEU D 6 -25.67 18.37 -13.80
N ALA D 7 -26.61 19.19 -13.36
CA ALA D 7 -27.43 20.03 -14.23
C ALA D 7 -26.56 20.90 -15.14
N GLY D 8 -26.75 20.72 -16.45
CA GLY D 8 -26.01 21.44 -17.48
C GLY D 8 -24.50 21.21 -17.45
N LYS D 9 -24.06 20.02 -17.03
CA LYS D 9 -22.66 19.59 -17.21
C LYS D 9 -22.58 18.63 -18.40
N ARG D 10 -21.40 18.55 -19.01
CA ARG D 10 -21.15 17.71 -20.19
C ARG D 10 -20.09 16.62 -19.92
N PHE D 11 -20.38 15.37 -20.31
CA PHE D 11 -19.46 14.26 -20.11
C PHE D 11 -19.31 13.47 -21.37
N LEU D 12 -18.07 13.19 -21.78
CA LEU D 12 -17.80 12.21 -22.85
C LEU D 12 -17.63 10.83 -22.23
N ILE D 13 -18.29 9.82 -22.79
CA ILE D 13 -18.22 8.44 -22.25
C ILE D 13 -17.63 7.51 -23.27
N ALA D 14 -16.44 6.99 -22.97
CA ALA D 14 -15.78 6.07 -23.85
C ALA D 14 -15.79 4.66 -23.25
N GLY D 15 -16.53 3.77 -23.90
CA GLY D 15 -16.52 2.37 -23.53
C GLY D 15 -17.83 1.62 -23.45
N VAL D 16 -18.94 2.26 -23.81
CA VAL D 16 -20.23 1.58 -23.86
C VAL D 16 -20.17 0.46 -24.94
N ALA D 17 -20.51 -0.76 -24.52
CA ALA D 17 -20.56 -1.92 -25.43
C ALA D 17 -21.92 -2.61 -25.40
N SER D 18 -22.44 -2.88 -24.20
CA SER D 18 -23.83 -3.35 -24.03
C SER D 18 -24.48 -2.72 -22.81
N LYS D 19 -25.73 -3.09 -22.52
CA LYS D 19 -26.42 -2.62 -21.31
C LYS D 19 -25.88 -3.29 -20.03
N LEU D 20 -24.98 -4.27 -20.24
CA LEU D 20 -24.15 -4.87 -19.16
C LEU D 20 -22.87 -4.09 -18.81
N SER D 21 -22.37 -3.29 -19.76
CA SER D 21 -21.16 -2.42 -19.62
C SER D 21 -21.18 -1.51 -18.39
N ILE D 22 -20.02 -1.41 -17.73
CA ILE D 22 -19.75 -0.42 -16.68
C ILE D 22 -19.97 1.01 -17.19
N ALA D 23 -19.47 1.32 -18.39
CA ALA D 23 -19.68 2.65 -18.95
C ALA D 23 -21.18 2.95 -19.12
N TYR D 24 -21.96 1.91 -19.40
CA TYR D 24 -23.41 2.03 -19.50
C TYR D 24 -23.99 2.36 -18.14
N GLY D 25 -23.59 1.63 -17.09
CA GLY D 25 -24.04 1.98 -15.73
C GLY D 25 -23.62 3.40 -15.33
N ILE D 26 -22.40 3.79 -15.69
CA ILE D 26 -21.94 5.21 -15.56
C ILE D 26 -22.82 6.25 -16.32
N ALA D 27 -23.05 6.02 -17.63
CA ALA D 27 -23.91 6.91 -18.45
C ALA D 27 -25.28 7.11 -17.80
N GLN D 28 -25.89 6.02 -17.33
CA GLN D 28 -27.19 6.07 -16.65
C GLN D 28 -27.20 6.93 -15.39
N ALA D 29 -26.10 6.92 -14.65
CA ALA D 29 -26.08 7.65 -13.41
C ALA D 29 -25.90 9.13 -13.68
N LEU D 30 -25.05 9.46 -14.65
CA LEU D 30 -24.79 10.87 -14.97
C LEU D 30 -26.03 11.49 -15.67
N HIS D 31 -26.67 10.72 -16.58
CA HIS D 31 -27.93 11.19 -17.19
C HIS D 31 -28.96 11.43 -16.10
N ARG D 32 -29.19 10.42 -15.24
CA ARG D 32 -30.15 10.51 -14.11
C ARG D 32 -30.06 11.87 -13.38
N GLU D 33 -28.84 12.36 -13.14
CA GLU D 33 -28.60 13.55 -12.33
C GLU D 33 -28.40 14.83 -13.16
N GLY D 34 -28.81 14.77 -14.42
CA GLY D 34 -28.97 15.98 -15.26
C GLY D 34 -28.01 16.18 -16.43
N ALA D 35 -26.81 15.63 -16.32
CA ALA D 35 -25.76 15.80 -17.32
C ALA D 35 -26.19 15.46 -18.74
N GLU D 36 -25.70 16.26 -19.70
CA GLU D 36 -25.74 15.94 -21.14
C GLU D 36 -24.54 15.06 -21.47
N LEU D 37 -24.73 14.13 -22.39
CA LEU D 37 -23.70 13.14 -22.67
C LEU D 37 -23.24 13.10 -24.12
N ALA D 38 -22.04 12.56 -24.32
CA ALA D 38 -21.50 12.23 -25.63
C ALA D 38 -20.73 10.92 -25.51
N PHE D 39 -20.58 10.21 -26.62
CA PHE D 39 -20.14 8.80 -26.58
C PHE D 39 -19.19 8.55 -27.69
N THR D 40 -18.24 7.62 -27.49
CA THR D 40 -17.40 7.09 -28.57
C THR D 40 -17.75 5.63 -28.82
N TYR D 41 -17.62 5.21 -30.07
CA TYR D 41 -17.77 3.80 -30.47
C TYR D 41 -16.46 3.31 -31.05
N PRO D 42 -16.09 2.03 -30.80
CA PRO D 42 -14.77 1.57 -31.22
C PRO D 42 -14.60 1.30 -32.72
N ASN D 43 -15.68 0.88 -33.39
CA ASN D 43 -15.70 0.63 -34.85
C ASN D 43 -17.10 0.34 -35.40
N GLU D 44 -17.17 0.24 -36.73
CA GLU D 44 -18.42 0.14 -37.53
C GLU D 44 -19.49 -0.86 -37.03
N LYS D 45 -19.09 -2.08 -36.65
CA LYS D 45 -20.01 -3.09 -36.09
C LYS D 45 -20.78 -2.58 -34.88
N LEU D 46 -20.18 -1.61 -34.18
CA LEU D 46 -20.71 -1.06 -32.93
C LEU D 46 -21.53 0.23 -33.08
N LYS D 47 -21.37 0.91 -34.23
CA LYS D 47 -22.03 2.19 -34.53
C LYS D 47 -23.54 2.16 -34.24
N LYS D 48 -24.18 1.09 -34.72
CA LYS D 48 -25.61 0.82 -34.50
C LYS D 48 -25.97 0.88 -33.04
N ARG D 49 -25.36 -0.01 -32.22
CA ARG D 49 -25.80 -0.14 -30.83
C ARG D 49 -25.50 1.12 -30.01
N VAL D 50 -24.34 1.70 -30.25
CA VAL D 50 -23.95 2.93 -29.58
C VAL D 50 -24.90 4.11 -29.88
N ASP D 51 -25.22 4.34 -31.17
CA ASP D 51 -26.23 5.37 -31.55
C ASP D 51 -27.55 5.18 -30.79
N GLU D 52 -27.99 3.91 -30.66
CA GLU D 52 -29.22 3.54 -29.92
C GLU D 52 -29.19 3.96 -28.43
N PHE D 53 -28.12 3.54 -27.73
CA PHE D 53 -27.91 3.93 -26.32
C PHE D 53 -27.82 5.46 -26.20
N ALA D 54 -27.06 6.11 -27.11
CA ALA D 54 -26.95 7.57 -27.13
C ALA D 54 -28.31 8.25 -27.17
N GLU D 55 -29.19 7.73 -28.01
CA GLU D 55 -30.56 8.19 -28.08
C GLU D 55 -31.32 7.98 -26.76
N GLN D 56 -31.14 6.81 -26.12
CA GLN D 56 -31.77 6.52 -24.80
C GLN D 56 -31.54 7.65 -23.79
N PHE D 57 -30.27 8.04 -23.60
CA PHE D 57 -29.92 9.11 -22.66
C PHE D 57 -29.91 10.49 -23.32
N GLY D 58 -30.71 10.62 -24.38
CA GLY D 58 -31.03 11.89 -25.03
C GLY D 58 -29.85 12.60 -25.66
N SER D 59 -29.12 11.91 -26.52
CA SER D 59 -27.90 12.50 -27.07
C SER D 59 -27.65 12.24 -28.56
N LYS D 60 -27.19 13.27 -29.28
CA LYS D 60 -26.81 13.18 -30.72
C LYS D 60 -25.30 12.97 -30.96
N LEU D 61 -24.48 13.30 -29.96
CA LEU D 61 -23.04 13.44 -30.09
C LEU D 61 -22.28 12.10 -29.98
N VAL D 62 -22.05 11.49 -31.14
CA VAL D 62 -21.52 10.13 -31.25
C VAL D 62 -20.41 10.11 -32.27
N PHE D 63 -19.21 9.75 -31.83
CA PHE D 63 -18.02 9.82 -32.68
C PHE D 63 -17.25 8.50 -32.72
N PRO D 64 -16.62 8.18 -33.87
CA PRO D 64 -15.80 6.94 -33.89
C PRO D 64 -14.52 7.17 -33.10
N CYS D 65 -14.02 6.15 -32.42
CA CYS D 65 -12.74 6.23 -31.69
C CYS D 65 -12.06 4.90 -31.36
N ASP D 66 -11.19 4.43 -32.25
CA ASP D 66 -10.33 3.30 -31.96
C ASP D 66 -9.08 3.84 -31.28
N VAL D 67 -8.92 3.56 -29.99
CA VAL D 67 -7.76 4.08 -29.21
C VAL D 67 -6.43 3.50 -29.65
N ALA D 68 -6.45 2.50 -30.54
CA ALA D 68 -5.20 2.00 -31.15
C ALA D 68 -4.59 3.03 -32.10
N VAL D 69 -5.43 3.93 -32.62
CA VAL D 69 -5.10 4.82 -33.76
C VAL D 69 -5.09 6.30 -33.33
N ASP D 70 -3.90 6.91 -33.40
CA ASP D 70 -3.72 8.32 -32.93
C ASP D 70 -4.66 9.34 -33.55
N ALA D 71 -4.89 9.22 -34.87
CA ALA D 71 -5.78 10.12 -35.60
C ALA D 71 -7.20 10.18 -35.02
N GLU D 72 -7.76 9.00 -34.73
CA GLU D 72 -9.17 8.92 -34.32
C GLU D 72 -9.39 9.51 -32.92
N ILE D 73 -8.38 9.47 -32.07
CA ILE D 73 -8.45 10.13 -30.75
C ILE D 73 -8.54 11.63 -31.00
N ASP D 74 -7.55 12.12 -31.76
CA ASP D 74 -7.42 13.54 -32.08
C ASP D 74 -8.68 14.04 -32.79
N ASN D 75 -9.09 13.30 -33.82
CA ASN D 75 -10.29 13.67 -34.59
C ASN D 75 -11.57 13.64 -33.77
N ALA D 76 -11.70 12.69 -32.85
CA ALA D 76 -12.94 12.56 -32.03
C ALA D 76 -13.12 13.75 -31.10
N PHE D 77 -12.01 14.20 -30.54
CA PHE D 77 -11.98 15.41 -29.78
C PHE D 77 -12.03 16.70 -30.62
N ALA D 78 -11.35 16.71 -31.76
CA ALA D 78 -11.53 17.79 -32.73
C ALA D 78 -13.05 17.92 -33.03
N GLU D 79 -13.68 16.82 -33.48
CA GLU D 79 -15.11 16.80 -33.84
C GLU D 79 -16.00 17.22 -32.69
N LEU D 80 -15.71 16.71 -31.48
CA LEU D 80 -16.44 17.14 -30.27
C LEU D 80 -16.38 18.66 -30.05
N ALA D 81 -15.21 19.26 -30.29
CA ALA D 81 -14.98 20.70 -30.02
C ALA D 81 -15.95 21.62 -30.80
N LYS D 82 -16.30 21.20 -32.01
CA LYS D 82 -17.33 21.89 -32.84
C LYS D 82 -18.70 21.97 -32.16
N HIS D 83 -19.08 20.95 -31.40
CA HIS D 83 -20.37 20.96 -30.65
C HIS D 83 -20.25 21.55 -29.27
N TRP D 84 -19.17 21.25 -28.55
CA TRP D 84 -19.04 21.71 -27.17
C TRP D 84 -17.87 22.65 -27.01
N ASP D 85 -18.06 23.75 -26.30
CA ASP D 85 -17.04 24.78 -26.08
C ASP D 85 -16.20 24.52 -24.79
N GLY D 86 -16.64 23.53 -24.03
CA GLY D 86 -16.02 23.01 -22.81
C GLY D 86 -16.60 21.63 -22.45
N VAL D 87 -15.82 20.81 -21.75
CA VAL D 87 -16.30 19.52 -21.18
C VAL D 87 -16.03 19.41 -19.66
N ASP D 88 -17.01 18.93 -18.88
CA ASP D 88 -16.90 18.76 -17.41
C ASP D 88 -16.30 17.45 -16.94
N GLY D 89 -16.13 16.51 -17.87
CA GLY D 89 -15.37 15.28 -17.60
C GLY D 89 -15.35 14.25 -18.71
N VAL D 90 -14.30 13.43 -18.70
CA VAL D 90 -14.15 12.35 -19.66
C VAL D 90 -13.93 11.06 -18.89
N VAL D 91 -14.78 10.08 -19.21
CA VAL D 91 -14.85 8.77 -18.57
C VAL D 91 -14.33 7.76 -19.57
N HIS D 92 -13.30 7.04 -19.16
CA HIS D 92 -12.54 6.06 -19.93
C HIS D 92 -12.74 4.64 -19.32
N SER D 93 -13.61 3.86 -19.94
CA SER D 93 -13.97 2.51 -19.49
C SER D 93 -13.60 1.52 -20.57
N ILE D 94 -12.30 1.38 -20.79
CA ILE D 94 -11.73 0.64 -21.90
C ILE D 94 -10.60 -0.22 -21.35
N GLY D 95 -10.52 -1.47 -21.82
CA GLY D 95 -9.44 -2.38 -21.48
C GLY D 95 -9.50 -3.59 -22.41
N PHE D 96 -8.35 -4.05 -22.90
CA PHE D 96 -8.31 -5.18 -23.82
C PHE D 96 -6.93 -5.83 -23.80
N ALA D 97 -6.91 -7.16 -23.69
CA ALA D 97 -5.72 -7.97 -23.98
C ALA D 97 -6.17 -9.07 -24.91
N PRO D 98 -5.28 -9.57 -25.81
CA PRO D 98 -5.72 -10.72 -26.64
C PRO D 98 -6.04 -11.95 -25.76
N ALA D 99 -7.10 -12.68 -26.13
CA ALA D 99 -7.69 -13.73 -25.29
C ALA D 99 -6.65 -14.71 -24.77
N HIS D 100 -5.73 -15.11 -25.64
CA HIS D 100 -4.73 -16.10 -25.27
C HIS D 100 -3.87 -15.71 -24.04
N THR D 101 -3.72 -14.41 -23.77
CA THR D 101 -2.87 -13.95 -22.64
C THR D 101 -3.57 -14.17 -21.32
N LEU D 102 -4.90 -14.22 -21.40
CA LEU D 102 -5.78 -14.35 -20.27
C LEU D 102 -6.17 -15.78 -19.94
N ASP D 103 -5.37 -16.75 -20.38
CA ASP D 103 -5.76 -18.16 -20.24
C ASP D 103 -4.57 -19.08 -20.05
N GLY D 104 -4.28 -19.35 -18.77
CA GLY D 104 -3.30 -20.34 -18.39
C GLY D 104 -2.18 -19.70 -17.63
N ASP D 105 -1.03 -20.36 -17.67
CA ASP D 105 0.13 -19.88 -16.95
C ASP D 105 0.70 -18.54 -17.50
N PHE D 106 0.93 -17.60 -16.58
CA PHE D 106 1.41 -16.25 -16.88
C PHE D 106 2.73 -16.29 -17.66
N THR D 107 3.73 -16.96 -17.11
CA THR D 107 5.04 -17.02 -17.74
C THR D 107 4.95 -17.60 -19.17
N ASP D 108 4.23 -18.71 -19.34
CA ASP D 108 4.05 -19.30 -20.67
C ASP D 108 3.28 -18.41 -21.70
N VAL D 109 2.18 -17.76 -21.31
CA VAL D 109 1.25 -17.17 -22.28
C VAL D 109 1.47 -15.70 -22.60
N THR D 110 2.34 -15.05 -21.85
CA THR D 110 2.57 -13.61 -21.97
C THR D 110 3.68 -13.34 -22.99
N ASP D 111 3.28 -13.17 -24.26
CA ASP D 111 4.18 -12.91 -25.40
C ASP D 111 4.30 -11.39 -25.63
N ARG D 112 5.32 -10.94 -26.35
CA ARG D 112 5.57 -9.49 -26.56
C ARG D 112 4.35 -8.75 -27.11
N ASP D 113 3.76 -9.34 -28.14
CA ASP D 113 2.67 -8.65 -28.80
C ASP D 113 1.41 -8.55 -27.93
N GLY D 114 1.10 -9.61 -27.19
CA GLY D 114 -0.03 -9.59 -26.26
C GLY D 114 0.17 -8.55 -25.18
N PHE D 115 1.40 -8.50 -24.66
CA PHE D 115 1.81 -7.52 -23.69
C PHE D 115 1.63 -6.11 -24.19
N LYS D 116 2.14 -5.84 -25.40
CA LYS D 116 2.12 -4.49 -25.98
C LYS D 116 0.68 -4.06 -26.17
N ILE D 117 -0.14 -4.94 -26.74
CA ILE D 117 -1.58 -4.69 -26.95
C ILE D 117 -2.34 -4.37 -25.65
N ALA D 118 -2.06 -5.15 -24.59
CA ALA D 118 -2.59 -4.94 -23.22
C ALA D 118 -2.35 -3.54 -22.72
N HIS D 119 -1.08 -3.14 -22.76
CA HIS D 119 -0.66 -1.85 -22.24
C HIS D 119 -1.09 -0.72 -23.13
N ASP D 120 -1.06 -0.92 -24.43
CA ASP D 120 -1.50 0.09 -25.40
C ASP D 120 -3.03 0.48 -25.34
N ILE D 121 -3.94 -0.50 -25.41
CA ILE D 121 -5.37 -0.21 -25.35
C ILE D 121 -5.90 0.07 -23.92
N SER D 122 -5.23 -0.50 -22.90
CA SER D 122 -5.66 -0.45 -21.47
C SER D 122 -5.07 0.71 -20.66
N ALA D 123 -3.82 1.07 -20.92
CA ALA D 123 -3.11 2.12 -20.14
C ALA D 123 -2.83 3.35 -20.97
N TYR D 124 -2.17 3.17 -22.12
CA TYR D 124 -1.75 4.30 -22.94
C TYR D 124 -2.96 5.07 -23.36
N SER D 125 -3.98 4.33 -23.77
CA SER D 125 -5.15 4.92 -24.33
C SER D 125 -5.65 6.05 -23.44
N PHE D 126 -5.47 5.91 -22.12
CA PHE D 126 -5.94 6.91 -21.14
C PHE D 126 -5.15 8.19 -21.21
N VAL D 127 -3.82 8.04 -21.21
CA VAL D 127 -2.89 9.17 -21.32
C VAL D 127 -3.21 9.94 -22.62
N ALA D 128 -3.33 9.21 -23.73
CA ALA D 128 -3.70 9.75 -25.06
C ALA D 128 -5.02 10.50 -25.04
N MET D 129 -6.03 9.92 -24.40
CA MET D 129 -7.35 10.55 -24.37
C MET D 129 -7.31 11.80 -23.51
N ALA D 130 -6.45 11.78 -22.50
CA ALA D 130 -6.31 12.90 -21.61
C ALA D 130 -5.66 14.09 -22.34
N ARG D 131 -4.68 13.83 -23.21
CA ARG D 131 -3.97 14.91 -23.92
C ARG D 131 -4.94 15.66 -24.83
N ALA D 132 -5.67 14.93 -25.66
CA ALA D 132 -6.67 15.47 -26.58
C ALA D 132 -7.88 16.13 -25.91
N ALA D 133 -8.25 15.68 -24.72
CA ALA D 133 -9.35 16.26 -23.99
C ALA D 133 -8.89 17.49 -23.21
N LYS D 134 -7.59 17.68 -23.11
CA LYS D 134 -7.10 18.86 -22.34
C LYS D 134 -7.78 20.22 -22.64
N PRO D 135 -7.83 20.67 -23.93
CA PRO D 135 -8.44 22.01 -24.18
C PRO D 135 -9.89 22.08 -23.69
N LEU D 136 -10.64 21.06 -24.06
CA LEU D 136 -12.00 20.89 -23.61
C LEU D 136 -12.14 20.80 -22.08
N LEU D 137 -11.25 20.08 -21.43
CA LEU D 137 -11.30 20.02 -19.97
C LEU D 137 -10.86 21.30 -19.31
N GLN D 138 -9.89 22.01 -19.90
CA GLN D 138 -9.41 23.31 -19.33
C GLN D 138 -10.52 24.42 -19.25
N ALA D 139 -11.30 24.52 -20.32
CA ALA D 139 -12.43 25.46 -20.39
C ALA D 139 -13.33 25.39 -19.14
N ARG D 140 -13.64 24.16 -18.71
CA ARG D 140 -14.57 23.96 -17.60
C ARG D 140 -13.98 23.39 -16.32
N GLN D 141 -12.65 23.18 -16.30
CA GLN D 141 -11.95 22.54 -15.16
C GLN D 141 -12.67 21.21 -14.91
N GLY D 142 -12.73 20.41 -15.98
CA GLY D 142 -13.36 19.13 -15.94
C GLY D 142 -12.37 18.12 -15.40
N CYS D 143 -12.90 16.92 -15.13
CA CYS D 143 -12.15 15.83 -14.55
C CYS D 143 -12.00 14.64 -15.53
N LEU D 144 -11.07 13.74 -15.22
CA LEU D 144 -11.01 12.45 -15.88
C LEU D 144 -11.25 11.33 -14.89
N LEU D 145 -11.74 10.22 -15.44
CA LEU D 145 -11.98 9.01 -14.67
C LEU D 145 -11.72 7.82 -15.52
N THR D 146 -10.98 6.89 -14.94
CA THR D 146 -10.87 5.58 -15.53
C THR D 146 -11.36 4.38 -14.61
N LEU D 147 -11.34 3.18 -15.18
CA LEU D 147 -11.71 1.98 -14.49
C LEU D 147 -10.52 1.03 -14.37
N THR D 148 -10.23 0.64 -13.14
CA THR D 148 -9.15 -0.33 -12.91
C THR D 148 -9.66 -1.58 -12.17
N TYR D 149 -8.75 -2.50 -11.90
CA TYR D 149 -9.07 -3.77 -11.28
C TYR D 149 -7.92 -4.21 -10.41
N GLN D 150 -8.25 -4.73 -9.22
CA GLN D 150 -7.28 -4.93 -8.13
C GLN D 150 -6.26 -5.98 -8.42
N GLY D 151 -6.42 -6.58 -9.60
CA GLY D 151 -5.47 -7.52 -10.18
C GLY D 151 -4.11 -6.90 -10.39
N SER D 152 -4.07 -5.57 -10.32
CA SER D 152 -2.84 -4.81 -10.36
C SER D 152 -2.01 -4.94 -9.11
N GLU D 153 -2.65 -5.11 -7.97
CA GLU D 153 -1.95 -5.08 -6.71
C GLU D 153 -1.73 -6.48 -6.15
N ARG D 154 -2.53 -7.41 -6.60
CA ARG D 154 -2.55 -8.77 -6.05
C ARG D 154 -2.90 -9.76 -7.14
N VAL D 155 -2.22 -10.90 -7.13
CA VAL D 155 -2.44 -11.86 -8.21
C VAL D 155 -3.83 -12.56 -8.23
N MET D 156 -4.56 -12.36 -9.32
CA MET D 156 -5.69 -13.21 -9.74
C MET D 156 -5.18 -14.26 -10.73
N PRO D 157 -5.71 -15.50 -10.65
CA PRO D 157 -5.32 -16.44 -11.68
C PRO D 157 -5.94 -16.03 -13.04
N ASN D 158 -5.20 -16.30 -14.13
CA ASN D 158 -5.56 -15.87 -15.50
C ASN D 158 -5.62 -14.37 -15.82
N TYR D 159 -5.61 -13.50 -14.81
CA TYR D 159 -5.70 -12.05 -15.08
C TYR D 159 -4.39 -11.58 -15.71
N ASN D 160 -3.31 -12.21 -15.34
CA ASN D 160 -2.05 -12.16 -16.02
C ASN D 160 -1.55 -10.80 -16.52
N VAL D 161 -1.43 -10.60 -17.82
CA VAL D 161 -0.87 -9.35 -18.36
C VAL D 161 -1.79 -8.13 -18.08
N MET D 162 -3.09 -8.36 -17.98
CA MET D 162 -4.02 -7.29 -17.67
C MET D 162 -3.70 -6.66 -16.33
N GLY D 163 -3.07 -7.44 -15.44
CA GLY D 163 -2.58 -7.00 -14.11
C GLY D 163 -1.46 -5.99 -14.22
N MET D 164 -0.51 -6.25 -15.13
CA MET D 164 0.60 -5.35 -15.43
C MET D 164 0.08 -4.07 -16.05
N ALA D 165 -0.93 -4.20 -16.91
CA ALA D 165 -1.49 -3.08 -17.63
C ALA D 165 -2.36 -2.19 -16.74
N LYS D 166 -3.09 -2.79 -15.80
CA LYS D 166 -3.86 -2.02 -14.82
C LYS D 166 -2.94 -1.29 -13.85
N ALA D 167 -1.80 -1.91 -13.49
CA ALA D 167 -0.75 -1.27 -12.65
C ALA D 167 -0.25 -0.01 -13.33
N SER D 168 0.01 -0.14 -14.63
CA SER D 168 0.55 0.95 -15.43
C SER D 168 -0.51 2.07 -15.55
N LEU D 169 -1.75 1.65 -15.77
CA LEU D 169 -2.88 2.54 -15.80
C LEU D 169 -3.01 3.32 -14.49
N GLU D 170 -2.90 2.64 -13.36
CA GLU D 170 -3.01 3.33 -12.07
C GLU D 170 -1.92 4.38 -11.86
N ALA D 171 -0.67 4.02 -12.21
CA ALA D 171 0.44 4.96 -12.21
C ALA D 171 0.13 6.16 -13.09
N GLY D 172 -0.35 5.94 -14.32
CA GLY D 172 -0.87 7.01 -15.19
C GLY D 172 -1.88 7.94 -14.54
N VAL D 173 -2.83 7.38 -13.78
CA VAL D 173 -3.81 8.16 -13.03
C VAL D 173 -3.05 9.17 -12.16
N ARG D 174 -2.01 8.70 -11.46
CA ARG D 174 -1.29 9.62 -10.56
C ARG D 174 -0.43 10.63 -11.31
N TYR D 175 0.25 10.21 -12.39
CA TYR D 175 1.06 11.19 -13.16
C TYR D 175 0.20 12.21 -13.85
N LEU D 176 -0.94 11.77 -14.42
CA LEU D 176 -1.94 12.69 -14.97
C LEU D 176 -2.42 13.69 -13.93
N ALA D 177 -2.63 13.24 -12.69
CA ALA D 177 -3.19 14.14 -11.67
C ALA D 177 -2.20 15.24 -11.35
N SER D 178 -0.94 14.88 -11.17
CA SER D 178 0.12 15.88 -10.95
C SER D 178 0.27 16.82 -12.16
N SER D 179 0.23 16.30 -13.38
CA SER D 179 0.44 17.09 -14.55
C SER D 179 -0.73 18.10 -14.86
N LEU D 180 -1.94 17.77 -14.45
CA LEU D 180 -3.14 18.53 -14.83
C LEU D 180 -3.76 19.28 -13.67
N GLY D 181 -3.33 19.00 -12.44
CA GLY D 181 -3.94 19.60 -11.24
C GLY D 181 -3.92 21.13 -11.25
N VAL D 182 -2.87 21.66 -11.86
CA VAL D 182 -2.61 23.07 -11.93
C VAL D 182 -3.73 23.77 -12.74
N ASP D 183 -4.32 23.06 -13.70
CA ASP D 183 -5.48 23.53 -14.48
C ASP D 183 -6.85 23.31 -13.80
N GLY D 184 -6.84 22.91 -12.52
CA GLY D 184 -8.03 22.45 -11.78
C GLY D 184 -8.67 21.14 -12.27
N ILE D 185 -7.95 20.38 -13.12
CA ILE D 185 -8.42 19.09 -13.66
C ILE D 185 -8.14 17.90 -12.71
N ARG D 186 -9.22 17.27 -12.22
CA ARG D 186 -9.09 16.10 -11.33
C ARG D 186 -8.96 14.80 -12.14
N VAL D 187 -8.10 13.89 -11.71
CA VAL D 187 -7.98 12.58 -12.40
C VAL D 187 -8.06 11.50 -11.34
N ASN D 188 -9.01 10.59 -11.52
CA ASN D 188 -9.29 9.51 -10.57
C ASN D 188 -9.66 8.19 -11.26
N ALA D 189 -9.63 7.10 -10.48
CA ALA D 189 -10.06 5.77 -10.94
C ALA D 189 -10.97 5.11 -9.93
N ILE D 190 -11.79 4.25 -10.43
CA ILE D 190 -12.51 3.33 -9.61
C ILE D 190 -11.92 1.96 -9.84
N SER D 191 -11.63 1.28 -8.74
CA SER D 191 -11.27 -0.13 -8.84
C SER D 191 -12.53 -0.92 -8.52
N ALA D 192 -13.17 -1.45 -9.56
CA ALA D 192 -14.41 -2.20 -9.38
C ALA D 192 -14.14 -3.67 -9.05
N GLY D 193 -15.02 -4.27 -8.24
CA GLY D 193 -15.03 -5.74 -8.06
C GLY D 193 -15.56 -6.37 -9.34
N PRO D 194 -15.36 -7.69 -9.53
CA PRO D 194 -15.75 -8.28 -10.83
C PRO D 194 -17.26 -8.30 -11.13
N ILE D 195 -17.61 -7.97 -12.37
CA ILE D 195 -18.97 -7.94 -12.83
C ILE D 195 -19.05 -8.71 -14.13
N ARG D 196 -20.12 -9.48 -14.28
CA ARG D 196 -20.33 -10.16 -15.57
C ARG D 196 -20.77 -9.15 -16.65
N THR D 197 -19.84 -8.89 -17.58
CA THR D 197 -20.02 -7.97 -18.69
C THR D 197 -19.42 -8.67 -19.94
N LEU D 198 -19.31 -7.95 -21.07
CA LEU D 198 -18.64 -8.55 -22.24
C LEU D 198 -17.14 -8.82 -21.97
N ALA D 199 -16.60 -8.13 -20.94
CA ALA D 199 -15.20 -8.31 -20.43
C ALA D 199 -14.93 -9.67 -19.76
N ALA D 200 -16.00 -10.44 -19.55
CA ALA D 200 -15.99 -11.81 -19.04
C ALA D 200 -16.09 -12.89 -20.15
N SER D 201 -16.09 -12.47 -21.41
CA SER D 201 -16.29 -13.39 -22.54
C SER D 201 -15.12 -14.28 -22.67
N GLY D 202 -15.37 -15.58 -22.75
CA GLY D 202 -14.30 -16.56 -22.92
C GLY D 202 -13.39 -16.81 -21.73
N ILE D 203 -13.73 -16.22 -20.58
CA ILE D 203 -12.95 -16.39 -19.33
C ILE D 203 -13.70 -17.47 -18.54
N LYS D 204 -13.25 -18.72 -18.71
CA LYS D 204 -14.07 -19.89 -18.33
C LYS D 204 -14.19 -19.95 -16.82
N SER D 205 -13.12 -19.51 -16.16
CA SER D 205 -13.04 -19.38 -14.72
C SER D 205 -14.05 -18.37 -14.10
N PHE D 206 -14.74 -17.60 -14.92
CA PHE D 206 -15.40 -16.38 -14.43
C PHE D 206 -16.42 -16.61 -13.31
N ARG D 207 -17.25 -17.63 -13.45
CA ARG D 207 -18.34 -17.85 -12.51
C ARG D 207 -17.77 -18.21 -11.12
N LYS D 208 -16.75 -19.06 -11.10
CA LYS D 208 -16.12 -19.56 -9.86
C LYS D 208 -15.40 -18.41 -9.11
N MET D 209 -14.88 -17.51 -9.90
CA MET D 209 -14.42 -16.24 -9.48
C MET D 209 -15.49 -15.39 -8.78
N LEU D 210 -16.64 -15.25 -9.39
CA LEU D 210 -17.70 -14.47 -8.85
C LEU D 210 -18.20 -15.03 -7.54
N ASP D 211 -18.20 -16.34 -7.43
CA ASP D 211 -18.64 -17.01 -6.20
C ASP D 211 -17.62 -16.80 -5.10
N ALA D 212 -16.34 -17.01 -5.43
CA ALA D 212 -15.24 -16.73 -4.49
C ALA D 212 -15.36 -15.30 -3.98
N ASN D 213 -15.53 -14.33 -4.88
CA ASN D 213 -15.79 -12.93 -4.46
C ASN D 213 -16.93 -12.73 -3.49
N GLU D 214 -18.10 -13.31 -3.78
CA GLU D 214 -19.28 -13.33 -2.92
C GLU D 214 -19.02 -13.91 -1.49
N LYS D 215 -18.27 -15.00 -1.38
CA LYS D 215 -17.92 -15.63 -0.08
C LYS D 215 -16.90 -14.84 0.75
N VAL D 216 -15.95 -14.18 0.09
CA VAL D 216 -14.87 -13.48 0.76
C VAL D 216 -15.22 -12.02 1.12
N ALA D 217 -15.97 -11.34 0.24
CA ALA D 217 -16.32 -9.93 0.44
C ALA D 217 -17.06 -9.76 1.75
N PRO D 218 -16.68 -8.75 2.56
CA PRO D 218 -17.38 -8.38 3.80
C PRO D 218 -18.91 -8.25 3.68
N LEU D 219 -19.40 -7.80 2.53
CA LEU D 219 -20.83 -7.66 2.32
C LEU D 219 -21.47 -8.93 1.75
N LYS D 220 -20.63 -9.91 1.40
CA LYS D 220 -21.08 -11.25 1.06
C LYS D 220 -21.92 -11.31 -0.23
N ARG D 221 -21.67 -10.34 -1.10
CA ARG D 221 -22.34 -10.20 -2.41
C ARG D 221 -21.39 -9.50 -3.41
N ASN D 222 -21.66 -9.63 -4.69
CA ASN D 222 -20.87 -8.96 -5.71
C ASN D 222 -21.42 -7.54 -5.91
N VAL D 223 -20.66 -6.66 -6.57
CA VAL D 223 -21.20 -5.31 -6.88
C VAL D 223 -21.87 -5.27 -8.26
N THR D 224 -22.63 -4.20 -8.49
CA THR D 224 -23.41 -3.97 -9.72
C THR D 224 -22.91 -2.74 -10.43
N ILE D 225 -23.20 -2.65 -11.72
CA ILE D 225 -22.96 -1.45 -12.51
C ILE D 225 -23.64 -0.20 -11.95
N GLU D 226 -24.81 -0.34 -11.29
CA GLU D 226 -25.50 0.79 -10.61
C GLU D 226 -24.59 1.36 -9.50
N GLU D 227 -24.02 0.46 -8.71
CA GLU D 227 -23.03 0.80 -7.68
C GLU D 227 -21.72 1.44 -8.20
N VAL D 228 -21.21 0.96 -9.33
CA VAL D 228 -20.00 1.55 -9.89
C VAL D 228 -20.44 2.89 -10.47
N GLY D 229 -21.61 2.90 -11.12
CA GLY D 229 -22.26 4.12 -11.67
C GLY D 229 -22.36 5.28 -10.70
N ASN D 230 -22.91 5.00 -9.51
CA ASN D 230 -23.01 6.01 -8.46
C ASN D 230 -21.68 6.46 -7.93
N ALA D 231 -20.73 5.53 -7.81
CA ALA D 231 -19.36 5.87 -7.40
C ALA D 231 -18.73 6.86 -8.39
N ALA D 232 -18.97 6.63 -9.67
CA ALA D 232 -18.43 7.39 -10.80
C ALA D 232 -19.12 8.78 -10.81
N LEU D 233 -20.44 8.76 -10.65
CA LEU D 233 -21.16 10.00 -10.43
C LEU D 233 -20.52 10.88 -9.37
N PHE D 234 -20.20 10.31 -8.23
CA PHE D 234 -19.64 11.10 -7.14
C PHE D 234 -18.30 11.72 -7.57
N LEU D 235 -17.45 10.91 -8.21
CA LEU D 235 -16.10 11.37 -8.58
C LEU D 235 -16.11 12.41 -9.71
N CYS D 236 -17.17 12.38 -10.49
CA CYS D 236 -17.42 13.35 -11.56
C CYS D 236 -18.17 14.60 -11.12
N SER D 237 -18.41 14.74 -9.81
CA SER D 237 -19.29 15.76 -9.22
C SER D 237 -18.55 16.77 -8.35
N PRO D 238 -19.11 18.00 -8.12
CA PRO D 238 -18.50 18.99 -7.20
C PRO D 238 -18.29 18.49 -5.79
N TRP D 239 -18.92 17.38 -5.41
CA TRP D 239 -18.72 16.80 -4.08
C TRP D 239 -17.32 16.11 -3.90
N ALA D 240 -16.58 15.94 -5.01
CA ALA D 240 -15.29 15.26 -5.06
C ALA D 240 -14.20 16.24 -5.44
N SER D 241 -14.54 17.53 -5.41
CA SER D 241 -13.58 18.60 -5.73
C SER D 241 -12.25 18.59 -4.89
N GLY D 242 -12.25 17.91 -3.75
CA GLY D 242 -11.06 17.77 -2.87
C GLY D 242 -10.23 16.50 -3.13
N ILE D 243 -10.59 15.78 -4.19
CA ILE D 243 -10.10 14.43 -4.41
C ILE D 243 -9.47 14.33 -5.81
N THR D 244 -8.17 14.03 -5.83
CA THR D 244 -7.49 13.73 -7.10
C THR D 244 -6.41 12.72 -6.94
N GLY D 245 -6.12 12.05 -8.06
CA GLY D 245 -5.15 10.94 -8.04
C GLY D 245 -5.53 9.74 -7.18
N GLU D 246 -6.83 9.59 -6.87
CA GLU D 246 -7.39 8.52 -6.03
C GLU D 246 -7.85 7.28 -6.79
N ILE D 247 -7.65 6.11 -6.17
CA ILE D 247 -8.22 4.86 -6.62
C ILE D 247 -9.28 4.50 -5.57
N LEU D 248 -10.55 4.73 -5.92
CA LEU D 248 -11.69 4.32 -5.12
C LEU D 248 -12.16 2.86 -5.39
N TYR D 249 -12.05 2.01 -4.39
CA TYR D 249 -12.46 0.61 -4.52
C TYR D 249 -13.96 0.54 -4.32
N VAL D 250 -14.60 -0.05 -5.31
CA VAL D 250 -16.02 -0.41 -5.28
C VAL D 250 -16.08 -1.92 -5.46
N ASP D 251 -15.80 -2.63 -4.37
CA ASP D 251 -15.69 -4.08 -4.45
C ASP D 251 -16.32 -4.78 -3.23
N ALA D 252 -17.21 -4.06 -2.51
CA ALA D 252 -17.85 -4.57 -1.32
C ALA D 252 -16.83 -4.96 -0.27
N GLY D 253 -15.64 -4.35 -0.32
CA GLY D 253 -14.59 -4.58 0.67
C GLY D 253 -13.73 -5.82 0.40
N PHE D 254 -13.93 -6.48 -0.74
CA PHE D 254 -13.13 -7.63 -1.06
C PHE D 254 -11.64 -7.43 -0.77
N ASN D 255 -11.10 -6.31 -1.25
CA ASN D 255 -9.66 -5.99 -1.14
C ASN D 255 -9.10 -5.96 0.30
N THR D 256 -9.95 -5.80 1.34
CA THR D 256 -9.51 -5.67 2.75
C THR D 256 -9.34 -7.02 3.48
N VAL D 257 -9.68 -8.12 2.82
CA VAL D 257 -9.71 -9.44 3.48
C VAL D 257 -8.44 -10.24 3.18
N GLY D 258 -7.75 -10.70 4.21
CA GLY D 258 -6.57 -11.54 3.96
C GLY D 258 -7.05 -12.96 3.89
N MET D 259 -8.08 -13.26 4.67
CA MET D 259 -8.56 -14.62 4.71
C MET D 259 -9.95 -14.69 5.28
N SER D 260 -10.78 -15.53 4.69
CA SER D 260 -12.14 -15.71 5.13
C SER D 260 -12.37 -17.07 5.70
N GLN D 261 -13.35 -17.22 6.58
CA GLN D 261 -13.70 -18.55 7.01
C GLN D 261 -13.68 -19.60 5.89
N SER D 262 -12.77 -20.55 6.06
CA SER D 262 -12.16 -21.46 5.00
C SER D 262 -12.83 -21.52 3.63
#